data_2LZU
#
_entry.id   2LZU
#
loop_
_entity.id
_entity.type
_entity.pdbx_description
1 polymer 'LIM domain-containing protein 2'
2 non-polymer 'ZINC ION'
#
_entity_poly.entity_id   1
_entity_poly.type   'polypeptide(L)'
_entity_poly.pdbx_seq_one_letter_code
;RAQVKETCAACQKTVYPMERLVADKLIFHNSCFCCKHCHTKLSLGSYAALHGEFYCKPHFQQLFKSKGNYDE
;
_entity_poly.pdbx_strand_id   A
#
loop_
_chem_comp.id
_chem_comp.type
_chem_comp.name
_chem_comp.formula
ZN non-polymer 'ZINC ION' 'Zn 2'
#
# COMPACT_ATOMS: atom_id res chain seq x y z
N ARG A 1 -6.22 -14.91 17.93
CA ARG A 1 -6.67 -15.36 16.61
C ARG A 1 -7.08 -14.19 15.77
N ALA A 2 -6.81 -14.27 14.48
CA ALA A 2 -7.16 -13.22 13.56
C ALA A 2 -8.54 -13.47 12.96
N GLN A 3 -9.48 -12.70 13.41
CA GLN A 3 -10.85 -12.72 12.91
C GLN A 3 -11.32 -11.27 12.76
N VAL A 4 -11.33 -10.59 13.87
CA VAL A 4 -11.70 -9.20 13.95
C VAL A 4 -10.48 -8.43 14.53
N LYS A 5 -9.34 -9.03 14.30
CA LYS A 5 -8.05 -8.50 14.69
C LYS A 5 -7.10 -8.73 13.57
N GLU A 6 -7.16 -7.86 12.62
CA GLU A 6 -6.30 -7.94 11.48
C GLU A 6 -5.05 -7.20 11.79
N THR A 7 -3.96 -7.69 11.38
CA THR A 7 -2.78 -6.96 11.62
C THR A 7 -2.28 -6.45 10.28
N CYS A 8 -1.79 -5.25 10.29
CA CYS A 8 -1.46 -4.53 9.11
C CYS A 8 -0.06 -4.84 8.61
N ALA A 9 0.11 -4.81 7.29
CA ALA A 9 1.40 -5.06 6.68
C ALA A 9 2.12 -3.78 6.26
N ALA A 10 1.44 -2.64 6.34
CA ALA A 10 2.02 -1.39 5.89
C ALA A 10 2.55 -0.58 7.05
N CYS A 11 2.13 -0.95 8.25
CA CYS A 11 2.59 -0.30 9.45
C CYS A 11 2.58 -1.27 10.66
N GLN A 12 2.26 -2.54 10.40
CA GLN A 12 2.26 -3.64 11.42
C GLN A 12 1.51 -3.35 12.71
N LYS A 13 0.43 -2.67 12.59
CA LYS A 13 -0.40 -2.34 13.73
C LYS A 13 -1.71 -3.03 13.51
N THR A 14 -2.39 -3.37 14.57
CA THR A 14 -3.65 -4.04 14.44
C THR A 14 -4.71 -3.07 13.91
N VAL A 15 -5.33 -3.46 12.82
CA VAL A 15 -6.25 -2.63 12.09
C VAL A 15 -7.61 -2.78 12.68
N TYR A 16 -8.29 -1.70 12.85
CA TYR A 16 -9.62 -1.75 13.38
C TYR A 16 -10.60 -1.78 12.21
N PRO A 17 -11.81 -2.33 12.41
CA PRO A 17 -12.78 -2.64 11.31
C PRO A 17 -12.99 -1.52 10.28
N MET A 18 -13.11 -0.28 10.71
CA MET A 18 -13.38 0.80 9.76
C MET A 18 -12.16 1.10 8.88
N GLU A 19 -11.00 0.88 9.42
CA GLU A 19 -9.77 1.21 8.75
C GLU A 19 -9.21 0.02 8.00
N ARG A 20 -9.74 -1.15 8.33
CA ARG A 20 -9.33 -2.41 7.72
C ARG A 20 -9.74 -2.49 6.26
N LEU A 21 -8.79 -2.25 5.46
CA LEU A 21 -8.86 -2.29 4.04
C LEU A 21 -7.94 -3.40 3.55
N VAL A 22 -8.17 -3.89 2.37
CA VAL A 22 -7.32 -4.88 1.79
C VAL A 22 -6.83 -4.45 0.41
N ALA A 23 -5.58 -4.05 0.33
CA ALA A 23 -5.01 -3.70 -0.95
C ALA A 23 -4.07 -4.81 -1.31
N ASP A 24 -4.12 -5.26 -2.57
CA ASP A 24 -3.23 -6.35 -3.04
C ASP A 24 -3.20 -7.56 -2.11
N LYS A 25 -4.35 -7.89 -1.56
CA LYS A 25 -4.55 -8.97 -0.63
C LYS A 25 -3.86 -8.78 0.73
N LEU A 26 -3.23 -7.65 0.90
CA LEU A 26 -2.63 -7.31 2.17
C LEU A 26 -3.66 -6.53 2.99
N ILE A 27 -3.80 -6.88 4.25
CA ILE A 27 -4.81 -6.24 5.07
C ILE A 27 -4.16 -5.14 5.90
N PHE A 28 -4.64 -3.93 5.71
CA PHE A 28 -4.14 -2.78 6.42
C PHE A 28 -5.05 -1.60 6.48
N HIS A 29 -4.62 -0.64 7.27
CA HIS A 29 -5.26 0.64 7.41
C HIS A 29 -5.21 1.35 6.09
N ASN A 30 -6.36 1.80 5.66
CA ASN A 30 -6.49 2.58 4.44
C ASN A 30 -5.62 3.81 4.45
N SER A 31 -5.45 4.37 5.61
CA SER A 31 -4.65 5.53 5.87
C SER A 31 -3.10 5.34 5.92
N CYS A 32 -2.58 4.12 5.99
CA CYS A 32 -1.15 4.01 6.34
C CYS A 32 -0.18 3.75 5.21
N PHE A 33 -0.59 3.11 4.14
CA PHE A 33 0.37 2.69 3.16
C PHE A 33 0.90 3.83 2.32
N CYS A 34 2.11 4.17 2.61
CA CYS A 34 2.82 5.22 1.99
C CYS A 34 4.01 4.64 1.27
N CYS A 35 4.65 5.44 0.46
CA CYS A 35 5.84 5.04 -0.24
C CYS A 35 6.97 4.81 0.75
N LYS A 36 7.75 3.81 0.46
CA LYS A 36 8.83 3.38 1.31
C LYS A 36 10.06 4.26 1.11
N HIS A 37 10.06 5.07 0.06
CA HIS A 37 11.19 5.94 -0.18
C HIS A 37 10.82 7.37 0.23
N CYS A 38 9.57 7.73 0.05
CA CYS A 38 9.10 9.02 0.45
C CYS A 38 7.81 8.78 1.20
N HIS A 39 7.57 9.41 2.34
CA HIS A 39 6.33 9.08 3.11
C HIS A 39 5.10 9.78 2.51
N THR A 40 4.94 9.56 1.26
CA THR A 40 3.86 10.01 0.47
C THR A 40 2.67 9.06 0.67
N LYS A 41 1.60 9.61 1.21
CA LYS A 41 0.38 8.88 1.49
C LYS A 41 -0.33 8.64 0.16
N LEU A 42 0.05 7.56 -0.44
CA LEU A 42 -0.40 7.10 -1.75
C LEU A 42 -1.48 6.06 -1.67
N SER A 43 -1.97 5.89 -0.50
CA SER A 43 -2.95 4.93 -0.20
C SER A 43 -4.19 5.05 -1.09
N LEU A 44 -4.68 3.88 -1.51
CA LEU A 44 -5.91 3.62 -2.27
C LEU A 44 -6.31 4.72 -3.25
N GLY A 45 -6.01 4.51 -4.49
CA GLY A 45 -6.35 5.46 -5.51
C GLY A 45 -5.31 5.43 -6.58
N SER A 46 -4.11 5.75 -6.20
CA SER A 46 -3.00 5.66 -7.08
C SER A 46 -1.76 5.26 -6.31
N TYR A 47 -1.36 4.02 -6.44
CA TYR A 47 -0.25 3.51 -5.73
C TYR A 47 0.46 2.48 -6.56
N ALA A 48 1.62 2.13 -6.14
CA ALA A 48 2.35 1.05 -6.75
C ALA A 48 2.85 0.16 -5.62
N ALA A 49 2.45 -1.06 -5.61
CA ALA A 49 2.84 -1.92 -4.53
C ALA A 49 3.73 -3.03 -4.99
N LEU A 50 4.66 -3.40 -4.16
CA LEU A 50 5.52 -4.49 -4.41
C LEU A 50 5.54 -5.31 -3.16
N HIS A 51 5.80 -6.59 -3.31
CA HIS A 51 6.03 -7.47 -2.18
C HIS A 51 7.01 -6.81 -1.21
N GLY A 52 6.57 -6.58 -0.03
CA GLY A 52 7.41 -5.95 0.94
C GLY A 52 7.19 -4.47 1.07
N GLU A 53 7.21 -3.73 -0.03
CA GLU A 53 7.22 -2.27 0.06
C GLU A 53 6.20 -1.63 -0.85
N PHE A 54 5.60 -0.59 -0.36
CA PHE A 54 4.63 0.18 -1.08
C PHE A 54 5.39 1.36 -1.59
N TYR A 55 5.23 1.68 -2.80
CA TYR A 55 6.09 2.64 -3.40
C TYR A 55 5.22 3.57 -4.22
N CYS A 56 5.65 4.78 -4.40
CA CYS A 56 4.88 5.66 -5.21
C CYS A 56 5.21 5.35 -6.64
N LYS A 57 4.31 5.57 -7.55
CA LYS A 57 4.56 5.26 -8.95
C LYS A 57 5.89 5.90 -9.48
N PRO A 58 6.21 7.22 -9.20
CA PRO A 58 7.48 7.81 -9.66
C PRO A 58 8.72 7.06 -9.11
N HIS A 59 8.74 6.80 -7.81
CA HIS A 59 9.88 6.09 -7.20
C HIS A 59 9.97 4.65 -7.66
N PHE A 60 8.82 4.04 -7.88
CA PHE A 60 8.73 2.65 -8.31
C PHE A 60 9.42 2.49 -9.66
N GLN A 61 9.20 3.47 -10.52
CA GLN A 61 9.84 3.51 -11.84
C GLN A 61 11.34 3.68 -11.76
N GLN A 62 11.79 4.63 -10.97
CA GLN A 62 13.20 4.94 -10.90
C GLN A 62 13.99 3.87 -10.15
N LEU A 63 13.54 3.55 -8.96
CA LEU A 63 14.23 2.66 -8.07
C LEU A 63 14.05 1.18 -8.40
N PHE A 64 12.83 0.78 -8.70
CA PHE A 64 12.58 -0.62 -8.94
C PHE A 64 12.47 -0.97 -10.42
N LYS A 65 12.14 0.06 -11.22
CA LYS A 65 11.98 -0.05 -12.68
C LYS A 65 10.92 -1.07 -13.05
N SER A 66 9.92 -1.15 -12.22
CA SER A 66 8.89 -2.11 -12.36
C SER A 66 7.63 -1.57 -13.07
N LYS A 67 6.81 -0.77 -12.41
CA LYS A 67 5.58 -0.33 -13.05
C LYS A 67 5.47 1.20 -13.13
N GLY A 68 4.97 1.86 -12.09
CA GLY A 68 4.78 3.27 -12.14
C GLY A 68 3.61 3.66 -13.02
N ASN A 69 3.95 4.28 -14.14
CA ASN A 69 3.02 4.79 -15.15
C ASN A 69 2.39 6.13 -14.72
N TYR A 70 3.14 7.19 -14.92
CA TYR A 70 2.67 8.56 -14.71
C TYR A 70 2.84 9.29 -16.02
N ASP A 71 1.93 8.99 -16.94
CA ASP A 71 1.98 9.42 -18.37
C ASP A 71 3.28 8.95 -19.00
N GLU A 72 3.71 7.83 -18.50
CA GLU A 72 4.90 7.14 -18.90
C GLU A 72 4.51 5.72 -19.17
ZN ZN B . -1.35 0.18 9.08
ZN ZN C . 8.10 7.83 -3.36
N ARG A 1 -19.92 -12.92 16.27
CA ARG A 1 -19.16 -14.15 16.42
C ARG A 1 -17.87 -14.06 15.65
N ALA A 2 -16.76 -14.23 16.37
CA ALA A 2 -15.41 -14.28 15.82
C ALA A 2 -14.97 -13.00 15.11
N GLN A 3 -14.06 -12.31 15.73
CA GLN A 3 -13.46 -11.13 15.16
C GLN A 3 -12.62 -11.54 13.96
N VAL A 4 -12.78 -10.82 12.87
CA VAL A 4 -12.09 -11.16 11.65
C VAL A 4 -10.60 -10.86 11.74
N LYS A 5 -9.80 -11.85 11.41
CA LYS A 5 -8.38 -11.70 11.45
C LYS A 5 -7.89 -11.21 10.12
N GLU A 6 -8.05 -9.96 9.93
CA GLU A 6 -7.50 -9.34 8.79
C GLU A 6 -6.21 -8.81 9.23
N THR A 7 -5.21 -9.10 8.57
CA THR A 7 -3.94 -8.63 8.99
C THR A 7 -3.35 -7.82 7.88
N CYS A 8 -2.73 -6.75 8.24
CA CYS A 8 -2.24 -5.78 7.34
C CYS A 8 -0.91 -6.20 6.75
N ALA A 9 -0.65 -5.79 5.55
CA ALA A 9 0.61 -6.11 4.90
C ALA A 9 1.53 -4.91 4.84
N ALA A 10 1.02 -3.74 5.18
CA ALA A 10 1.82 -2.54 5.08
C ALA A 10 2.52 -2.20 6.40
N CYS A 11 1.92 -2.59 7.48
CA CYS A 11 2.51 -2.43 8.80
C CYS A 11 2.38 -3.72 9.60
N GLN A 12 1.77 -4.71 8.93
CA GLN A 12 1.55 -6.05 9.44
C GLN A 12 0.93 -6.16 10.82
N LYS A 13 -0.08 -5.37 11.04
CA LYS A 13 -0.85 -5.35 12.27
C LYS A 13 -2.26 -5.71 11.93
N THR A 14 -2.98 -6.29 12.86
CA THR A 14 -4.35 -6.66 12.62
C THR A 14 -5.21 -5.43 12.34
N VAL A 15 -5.97 -5.51 11.26
CA VAL A 15 -6.78 -4.40 10.81
C VAL A 15 -8.17 -4.56 11.36
N TYR A 16 -8.76 -3.49 11.75
CA TYR A 16 -10.07 -3.51 12.32
C TYR A 16 -11.01 -2.87 11.32
N PRO A 17 -12.33 -3.17 11.34
CA PRO A 17 -13.31 -2.76 10.29
C PRO A 17 -13.24 -1.29 9.85
N MET A 18 -12.93 -0.40 10.77
CA MET A 18 -12.83 1.03 10.46
C MET A 18 -11.61 1.35 9.59
N GLU A 19 -10.52 0.64 9.81
CA GLU A 19 -9.29 0.92 9.12
C GLU A 19 -9.05 -0.04 7.98
N ARG A 20 -9.76 -1.15 8.01
CA ARG A 20 -9.62 -2.20 7.02
C ARG A 20 -10.02 -1.77 5.62
N LEU A 21 -9.03 -1.55 4.88
CA LEU A 21 -9.07 -1.21 3.51
C LEU A 21 -8.39 -2.34 2.74
N VAL A 22 -8.62 -2.40 1.47
CA VAL A 22 -7.95 -3.36 0.65
C VAL A 22 -7.37 -2.68 -0.60
N ALA A 23 -6.06 -2.71 -0.73
CA ALA A 23 -5.46 -2.19 -1.94
C ALA A 23 -5.04 -3.42 -2.74
N ASP A 24 -5.31 -3.42 -4.05
CA ASP A 24 -5.22 -4.59 -4.99
C ASP A 24 -5.95 -5.80 -4.43
N LYS A 25 -5.39 -6.38 -3.41
CA LYS A 25 -5.97 -7.48 -2.68
C LYS A 25 -5.25 -7.69 -1.32
N LEU A 26 -4.52 -6.69 -0.90
CA LEU A 26 -3.87 -6.70 0.39
C LEU A 26 -4.77 -5.98 1.35
N ILE A 27 -5.00 -6.58 2.48
CA ILE A 27 -5.91 -6.01 3.42
C ILE A 27 -5.11 -5.25 4.44
N PHE A 28 -5.34 -3.98 4.54
CA PHE A 28 -4.63 -3.14 5.46
C PHE A 28 -5.28 -1.85 5.82
N HIS A 29 -4.74 -1.24 6.83
CA HIS A 29 -5.15 0.06 7.32
C HIS A 29 -4.82 1.05 6.23
N ASN A 30 -5.75 1.95 5.99
CA ASN A 30 -5.62 2.96 4.98
C ASN A 30 -4.44 3.89 5.21
N SER A 31 -4.21 4.22 6.43
CA SER A 31 -3.19 5.15 6.82
C SER A 31 -1.73 4.63 6.83
N CYS A 32 -1.51 3.35 6.67
CA CYS A 32 -0.16 2.86 6.94
C CYS A 32 0.74 2.67 5.73
N PHE A 33 0.18 2.50 4.56
CA PHE A 33 1.03 2.23 3.44
C PHE A 33 1.60 3.47 2.82
N CYS A 34 2.79 3.78 3.21
CA CYS A 34 3.54 4.85 2.69
C CYS A 34 4.72 4.27 1.93
N CYS A 35 5.42 5.09 1.17
CA CYS A 35 6.58 4.63 0.44
C CYS A 35 7.66 4.20 1.40
N LYS A 36 8.25 3.11 1.05
CA LYS A 36 9.26 2.48 1.84
C LYS A 36 10.55 3.28 1.80
N HIS A 37 10.82 3.95 0.68
CA HIS A 37 12.04 4.72 0.55
C HIS A 37 11.85 6.13 1.12
N CYS A 38 10.67 6.71 0.89
CA CYS A 38 10.38 7.99 1.44
C CYS A 38 9.02 7.90 2.13
N HIS A 39 8.87 8.37 3.34
CA HIS A 39 7.58 8.18 4.01
C HIS A 39 6.52 9.21 3.61
N THR A 40 6.17 9.15 2.36
CA THR A 40 5.14 9.96 1.80
C THR A 40 3.84 9.18 1.87
N LYS A 41 2.80 9.85 2.35
CA LYS A 41 1.48 9.26 2.50
C LYS A 41 0.88 9.09 1.11
N LEU A 42 1.19 7.98 0.52
CA LEU A 42 0.74 7.62 -0.79
C LEU A 42 -0.47 6.76 -0.73
N SER A 43 -0.88 6.49 0.47
CA SER A 43 -1.97 5.63 0.76
C SER A 43 -3.23 6.07 0.02
N LEU A 44 -3.93 5.08 -0.53
CA LEU A 44 -5.18 5.18 -1.26
C LEU A 44 -5.41 6.52 -1.98
N GLY A 45 -4.93 6.60 -3.19
CA GLY A 45 -5.05 7.78 -4.00
C GLY A 45 -4.15 7.64 -5.18
N SER A 46 -2.90 7.64 -4.90
CA SER A 46 -1.90 7.40 -5.88
C SER A 46 -0.73 6.69 -5.22
N TYR A 47 -0.59 5.42 -5.49
CA TYR A 47 0.38 4.61 -4.85
C TYR A 47 0.92 3.60 -5.81
N ALA A 48 1.98 2.99 -5.43
CA ALA A 48 2.53 1.89 -6.14
C ALA A 48 2.89 0.82 -5.12
N ALA A 49 2.55 -0.38 -5.36
CA ALA A 49 2.84 -1.40 -4.41
C ALA A 49 3.51 -2.56 -5.07
N LEU A 50 4.53 -3.07 -4.43
CA LEU A 50 5.23 -4.21 -4.92
C LEU A 50 5.33 -5.17 -3.79
N HIS A 51 5.46 -6.43 -4.12
CA HIS A 51 5.74 -7.45 -3.14
C HIS A 51 6.91 -7.04 -2.25
N GLY A 52 6.63 -6.92 -0.98
CA GLY A 52 7.64 -6.55 -0.04
C GLY A 52 7.59 -5.07 0.35
N GLU A 53 7.44 -4.18 -0.63
CA GLU A 53 7.53 -2.76 -0.35
C GLU A 53 6.46 -1.95 -1.09
N PHE A 54 5.94 -0.94 -0.43
CA PHE A 54 5.03 -0.03 -1.04
C PHE A 54 5.88 1.15 -1.40
N TYR A 55 5.75 1.61 -2.58
CA TYR A 55 6.69 2.54 -3.08
C TYR A 55 5.93 3.64 -3.75
N CYS A 56 6.45 4.82 -3.74
CA CYS A 56 5.76 5.87 -4.41
C CYS A 56 6.01 5.72 -5.87
N LYS A 57 5.10 6.11 -6.72
CA LYS A 57 5.28 5.99 -8.14
C LYS A 57 6.64 6.58 -8.63
N PRO A 58 7.11 7.81 -8.18
CA PRO A 58 8.44 8.31 -8.56
C PRO A 58 9.57 7.33 -8.16
N HIS A 59 9.57 6.86 -6.91
CA HIS A 59 10.61 5.91 -6.46
C HIS A 59 10.46 4.56 -7.11
N PHE A 60 9.26 4.18 -7.37
CA PHE A 60 8.95 2.91 -8.00
C PHE A 60 9.58 2.92 -9.39
N GLN A 61 9.40 4.02 -10.10
CA GLN A 61 9.98 4.22 -11.41
C GLN A 61 11.52 4.31 -11.39
N GLN A 62 12.06 5.08 -10.45
CA GLN A 62 13.49 5.28 -10.38
C GLN A 62 14.24 4.06 -9.83
N LEU A 63 13.84 3.60 -8.67
CA LEU A 63 14.49 2.51 -7.96
C LEU A 63 14.15 1.12 -8.46
N PHE A 64 12.89 0.87 -8.75
CA PHE A 64 12.48 -0.46 -9.17
C PHE A 64 12.32 -0.56 -10.68
N LYS A 65 12.28 0.63 -11.30
CA LYS A 65 12.09 0.83 -12.72
C LYS A 65 10.79 0.19 -13.16
N SER A 66 9.75 0.51 -12.45
CA SER A 66 8.48 -0.06 -12.75
C SER A 66 7.52 1.02 -13.29
N LYS A 67 6.23 0.76 -13.25
CA LYS A 67 5.25 1.60 -13.91
C LYS A 67 5.06 3.02 -13.37
N GLY A 68 4.81 3.20 -12.05
CA GLY A 68 4.47 4.49 -11.59
C GLY A 68 3.06 4.83 -12.00
N ASN A 69 2.93 5.55 -13.10
CA ASN A 69 1.63 5.94 -13.67
C ASN A 69 1.85 6.84 -14.86
N TYR A 70 2.83 7.72 -14.74
CA TYR A 70 3.10 8.69 -15.76
C TYR A 70 4.34 8.34 -16.53
N ASP A 71 4.61 9.08 -17.58
CA ASP A 71 5.75 8.84 -18.44
C ASP A 71 6.57 10.11 -18.60
N GLU A 72 7.67 10.16 -17.92
CA GLU A 72 8.57 11.28 -18.01
C GLU A 72 9.96 10.74 -17.75
ZN ZN B . -1.40 -1.35 8.85
ZN ZN C . 9.22 7.42 -2.40
N ARG A 1 -16.14 -15.75 8.59
CA ARG A 1 -15.01 -15.37 9.43
C ARG A 1 -15.45 -14.26 10.36
N ALA A 2 -15.56 -14.54 11.63
CA ALA A 2 -15.98 -13.55 12.59
C ALA A 2 -14.80 -12.89 13.24
N GLN A 3 -13.83 -13.70 13.60
CA GLN A 3 -12.64 -13.19 14.24
C GLN A 3 -11.69 -12.63 13.23
N VAL A 4 -11.78 -11.35 13.06
CA VAL A 4 -10.92 -10.62 12.17
C VAL A 4 -9.49 -10.58 12.73
N LYS A 5 -8.60 -11.23 12.03
CA LYS A 5 -7.20 -11.27 12.38
C LYS A 5 -6.41 -11.04 11.11
N GLU A 6 -6.59 -9.89 10.57
CA GLU A 6 -5.90 -9.50 9.37
C GLU A 6 -4.71 -8.72 9.79
N THR A 7 -3.61 -8.97 9.20
CA THR A 7 -2.45 -8.22 9.54
C THR A 7 -2.00 -7.50 8.28
N CYS A 8 -1.47 -6.34 8.45
CA CYS A 8 -1.16 -5.47 7.37
C CYS A 8 0.21 -5.73 6.80
N ALA A 9 0.35 -5.48 5.52
CA ALA A 9 1.62 -5.67 4.85
C ALA A 9 2.34 -4.35 4.59
N ALA A 10 1.68 -3.23 4.80
CA ALA A 10 2.28 -1.95 4.48
C ALA A 10 2.97 -1.36 5.70
N CYS A 11 2.44 -1.68 6.85
CA CYS A 11 2.98 -1.21 8.11
C CYS A 11 3.04 -2.34 9.15
N GLN A 12 2.63 -3.56 8.71
CA GLN A 12 2.66 -4.79 9.50
C GLN A 12 2.06 -4.69 10.90
N LYS A 13 0.92 -4.06 10.97
CA LYS A 13 0.14 -3.90 12.18
C LYS A 13 -1.18 -4.58 11.91
N THR A 14 -1.81 -5.06 12.92
CA THR A 14 -3.07 -5.72 12.78
C THR A 14 -4.14 -4.72 12.31
N VAL A 15 -4.86 -5.10 11.27
CA VAL A 15 -5.83 -4.22 10.65
C VAL A 15 -7.18 -4.48 11.26
N TYR A 16 -7.94 -3.46 11.43
CA TYR A 16 -9.24 -3.61 12.00
C TYR A 16 -10.25 -3.30 10.89
N PRO A 17 -11.53 -3.78 11.02
CA PRO A 17 -12.53 -3.75 9.91
C PRO A 17 -12.68 -2.42 9.15
N MET A 18 -12.62 -1.30 9.85
CA MET A 18 -12.78 0.01 9.19
C MET A 18 -11.58 0.35 8.31
N GLU A 19 -10.40 -0.02 8.76
CA GLU A 19 -9.18 0.36 8.06
C GLU A 19 -8.78 -0.73 7.11
N ARG A 20 -9.32 -1.91 7.32
CA ARG A 20 -9.02 -3.06 6.51
C ARG A 20 -9.52 -2.90 5.09
N LEU A 21 -8.57 -2.69 4.27
CA LEU A 21 -8.70 -2.54 2.86
C LEU A 21 -7.78 -3.59 2.23
N VAL A 22 -7.99 -3.90 0.99
CA VAL A 22 -7.14 -4.84 0.31
C VAL A 22 -6.66 -4.29 -1.04
N ALA A 23 -5.40 -3.89 -1.08
CA ALA A 23 -4.84 -3.41 -2.33
C ALA A 23 -4.11 -4.59 -2.95
N ASP A 24 -4.26 -4.76 -4.26
CA ASP A 24 -3.94 -5.95 -5.07
C ASP A 24 -4.51 -7.19 -4.44
N LYS A 25 -3.88 -7.63 -3.40
CA LYS A 25 -4.31 -8.75 -2.64
C LYS A 25 -3.60 -8.76 -1.26
N LEU A 26 -3.24 -7.61 -0.80
CA LEU A 26 -2.64 -7.45 0.50
C LEU A 26 -3.63 -6.74 1.38
N ILE A 27 -3.79 -7.21 2.58
CA ILE A 27 -4.77 -6.65 3.45
C ILE A 27 -4.07 -5.65 4.36
N PHE A 28 -4.53 -4.42 4.33
CA PHE A 28 -3.97 -3.38 5.13
C PHE A 28 -4.84 -2.19 5.35
N HIS A 29 -4.35 -1.35 6.25
CA HIS A 29 -4.95 -0.09 6.58
C HIS A 29 -4.87 0.79 5.35
N ASN A 30 -6.00 1.33 4.99
CA ASN A 30 -6.17 2.20 3.86
C ASN A 30 -5.22 3.39 3.90
N SER A 31 -5.01 3.89 5.08
CA SER A 31 -4.18 5.02 5.33
C SER A 31 -2.64 4.77 5.33
N CYS A 32 -2.19 3.52 5.43
CA CYS A 32 -0.77 3.33 5.73
C CYS A 32 0.15 3.13 4.54
N PHE A 33 -0.36 2.77 3.40
CA PHE A 33 0.54 2.50 2.31
C PHE A 33 0.93 3.75 1.55
N CYS A 34 2.05 4.27 1.93
CA CYS A 34 2.66 5.37 1.30
C CYS A 34 3.91 4.87 0.61
N CYS A 35 4.53 5.68 -0.21
CA CYS A 35 5.74 5.27 -0.87
C CYS A 35 6.82 5.02 0.16
N LYS A 36 7.59 4.01 -0.09
CA LYS A 36 8.58 3.55 0.83
C LYS A 36 9.85 4.39 0.70
N HIS A 37 9.99 5.08 -0.42
CA HIS A 37 11.18 5.86 -0.66
C HIS A 37 10.90 7.32 -0.27
N CYS A 38 9.66 7.74 -0.41
CA CYS A 38 9.25 9.06 -0.04
C CYS A 38 7.87 8.92 0.58
N HIS A 39 7.55 9.60 1.67
CA HIS A 39 6.21 9.44 2.31
C HIS A 39 5.08 10.14 1.56
N THR A 40 5.01 9.82 0.30
CA THR A 40 4.03 10.28 -0.60
C THR A 40 2.73 9.51 -0.38
N LYS A 41 1.65 10.25 -0.25
CA LYS A 41 0.35 9.69 0.02
C LYS A 41 -0.24 9.09 -1.25
N LEU A 42 0.16 7.92 -1.50
CA LEU A 42 -0.27 7.17 -2.65
C LEU A 42 -1.36 6.21 -2.31
N SER A 43 -1.69 6.16 -1.04
CA SER A 43 -2.69 5.29 -0.55
C SER A 43 -3.99 5.56 -1.30
N LEU A 44 -4.64 4.46 -1.67
CA LEU A 44 -5.90 4.41 -2.42
C LEU A 44 -6.22 5.64 -3.28
N GLY A 45 -5.49 5.75 -4.37
CA GLY A 45 -5.68 6.80 -5.31
C GLY A 45 -4.81 6.54 -6.49
N SER A 46 -3.57 6.89 -6.36
CA SER A 46 -2.60 6.62 -7.41
C SER A 46 -1.36 6.02 -6.79
N TYR A 47 -1.16 4.73 -6.99
CA TYR A 47 -0.10 4.03 -6.34
C TYR A 47 0.53 2.99 -7.24
N ALA A 48 1.66 2.50 -6.82
CA ALA A 48 2.34 1.41 -7.45
C ALA A 48 2.79 0.48 -6.34
N ALA A 49 2.35 -0.72 -6.34
CA ALA A 49 2.71 -1.58 -5.25
C ALA A 49 3.51 -2.74 -5.76
N LEU A 50 4.61 -2.98 -5.13
CA LEU A 50 5.43 -4.09 -5.47
C LEU A 50 5.45 -4.99 -4.28
N HIS A 51 5.66 -6.25 -4.53
CA HIS A 51 5.85 -7.21 -3.47
C HIS A 51 6.88 -6.70 -2.46
N GLY A 52 6.46 -6.50 -1.25
CA GLY A 52 7.36 -6.02 -0.24
C GLY A 52 7.26 -4.52 0.00
N GLU A 53 7.22 -3.68 -1.05
CA GLU A 53 7.25 -2.22 -0.86
C GLU A 53 6.29 -1.50 -1.76
N PHE A 54 5.71 -0.48 -1.22
CA PHE A 54 4.74 0.33 -1.89
C PHE A 54 5.48 1.53 -2.36
N TYR A 55 5.36 1.84 -3.58
CA TYR A 55 6.22 2.79 -4.17
C TYR A 55 5.38 3.76 -4.94
N CYS A 56 5.80 5.00 -5.00
CA CYS A 56 5.02 5.93 -5.74
C CYS A 56 5.30 5.69 -7.20
N LYS A 57 4.41 6.03 -8.07
CA LYS A 57 4.63 5.80 -9.48
C LYS A 57 5.98 6.40 -9.97
N PRO A 58 6.33 7.70 -9.61
CA PRO A 58 7.63 8.29 -9.99
C PRO A 58 8.83 7.45 -9.50
N HIS A 59 8.79 7.00 -8.25
CA HIS A 59 9.89 6.19 -7.70
C HIS A 59 9.91 4.80 -8.25
N PHE A 60 8.76 4.24 -8.48
CA PHE A 60 8.65 2.91 -9.01
C PHE A 60 9.21 2.91 -10.42
N GLN A 61 8.89 3.94 -11.18
CA GLN A 61 9.38 4.11 -12.53
C GLN A 61 10.90 4.32 -12.57
N GLN A 62 11.43 5.13 -11.67
CA GLN A 62 12.85 5.38 -11.65
C GLN A 62 13.65 4.19 -11.09
N LEU A 63 13.28 3.75 -9.92
CA LEU A 63 14.02 2.72 -9.20
C LEU A 63 13.72 1.30 -9.68
N PHE A 64 12.46 0.99 -9.90
CA PHE A 64 12.09 -0.37 -10.25
C PHE A 64 11.76 -0.49 -11.74
N LYS A 65 11.83 0.65 -12.43
CA LYS A 65 11.67 0.79 -13.87
C LYS A 65 10.39 0.17 -14.43
N SER A 66 9.29 0.48 -13.82
CA SER A 66 8.02 0.01 -14.28
C SER A 66 6.98 1.00 -13.81
N LYS A 67 5.83 1.01 -14.43
CA LYS A 67 4.77 1.87 -13.99
C LYS A 67 3.69 1.03 -13.34
N GLY A 68 3.66 1.10 -12.01
CA GLY A 68 2.83 0.20 -11.19
C GLY A 68 1.42 0.07 -11.62
N ASN A 69 0.71 1.16 -11.57
CA ASN A 69 -0.66 1.18 -11.99
C ASN A 69 -0.68 1.38 -13.49
N TYR A 70 -0.40 0.33 -14.19
CA TYR A 70 -0.48 0.33 -15.61
C TYR A 70 -1.95 0.19 -15.95
N ASP A 71 -2.55 1.26 -16.36
CA ASP A 71 -3.96 1.27 -16.63
C ASP A 71 -4.18 1.72 -18.06
N GLU A 72 -3.31 1.29 -18.94
CA GLU A 72 -3.49 1.59 -20.33
C GLU A 72 -4.31 0.48 -20.96
ZN ZN B . -0.99 -0.80 8.05
ZN ZN C . 8.31 7.97 -3.85
N ARG A 1 -17.52 -16.05 5.28
CA ARG A 1 -17.25 -14.62 5.47
C ARG A 1 -16.84 -14.37 6.92
N ALA A 2 -15.66 -14.80 7.29
CA ALA A 2 -15.22 -14.62 8.67
C ALA A 2 -13.87 -13.95 8.74
N GLN A 3 -13.30 -13.61 7.59
CA GLN A 3 -12.01 -12.96 7.55
C GLN A 3 -12.19 -11.47 7.72
N VAL A 4 -12.35 -11.06 8.96
CA VAL A 4 -12.56 -9.67 9.33
C VAL A 4 -11.49 -9.18 10.31
N LYS A 5 -10.54 -10.03 10.60
CA LYS A 5 -9.44 -9.72 11.49
C LYS A 5 -8.17 -9.99 10.71
N GLU A 6 -7.94 -9.11 9.81
CA GLU A 6 -6.89 -9.23 8.82
C GLU A 6 -5.60 -8.67 9.33
N THR A 7 -4.51 -9.09 8.79
CA THR A 7 -3.28 -8.47 9.13
C THR A 7 -2.76 -7.76 7.87
N CYS A 8 -2.17 -6.63 8.08
CA CYS A 8 -1.74 -5.74 7.03
C CYS A 8 -0.35 -6.08 6.52
N ALA A 9 -0.09 -5.70 5.28
CA ALA A 9 1.20 -5.93 4.65
C ALA A 9 2.02 -4.65 4.55
N ALA A 10 1.36 -3.51 4.67
CA ALA A 10 2.03 -2.23 4.49
C ALA A 10 2.64 -1.74 5.80
N CYS A 11 2.03 -2.13 6.89
CA CYS A 11 2.53 -1.78 8.20
C CYS A 11 2.50 -2.98 9.17
N GLN A 12 1.95 -4.11 8.65
CA GLN A 12 1.86 -5.39 9.39
C GLN A 12 1.18 -5.31 10.75
N LYS A 13 0.12 -4.58 10.79
CA LYS A 13 -0.68 -4.40 11.99
C LYS A 13 -2.05 -4.92 11.65
N THR A 14 -2.76 -5.38 12.63
CA THR A 14 -4.05 -5.96 12.41
C THR A 14 -5.06 -4.90 11.90
N VAL A 15 -5.66 -5.19 10.77
CA VAL A 15 -6.60 -4.31 10.12
C VAL A 15 -7.98 -4.75 10.51
N TYR A 16 -8.80 -3.82 10.84
CA TYR A 16 -10.15 -4.11 11.23
C TYR A 16 -11.05 -3.70 10.06
N PRO A 17 -12.32 -4.17 9.98
CA PRO A 17 -13.21 -3.95 8.81
C PRO A 17 -13.25 -2.51 8.28
N MET A 18 -13.21 -1.54 9.17
CA MET A 18 -13.27 -0.14 8.77
C MET A 18 -11.99 0.31 8.06
N GLU A 19 -10.87 -0.24 8.47
CA GLU A 19 -9.59 0.17 7.94
C GLU A 19 -9.13 -0.78 6.85
N ARG A 20 -9.72 -1.97 6.84
CA ARG A 20 -9.38 -3.02 5.90
C ARG A 20 -9.77 -2.67 4.49
N LEU A 21 -8.78 -2.32 3.78
CA LEU A 21 -8.80 -2.00 2.42
C LEU A 21 -7.95 -3.03 1.70
N VAL A 22 -8.14 -3.19 0.45
CA VAL A 22 -7.35 -4.08 -0.31
C VAL A 22 -6.79 -3.36 -1.54
N ALA A 23 -5.48 -3.32 -1.63
CA ALA A 23 -4.83 -2.76 -2.80
C ALA A 23 -3.91 -3.81 -3.32
N ASP A 24 -3.89 -4.05 -4.65
CA ASP A 24 -3.03 -5.11 -5.23
C ASP A 24 -3.17 -6.45 -4.52
N LYS A 25 -4.40 -6.72 -4.10
CA LYS A 25 -4.82 -7.87 -3.31
C LYS A 25 -4.12 -7.98 -1.92
N LEU A 26 -3.34 -7.01 -1.58
CA LEU A 26 -2.75 -6.93 -0.29
C LEU A 26 -3.76 -6.28 0.65
N ILE A 27 -4.03 -6.89 1.79
CA ILE A 27 -5.06 -6.40 2.67
C ILE A 27 -4.43 -5.53 3.75
N PHE A 28 -4.81 -4.28 3.79
CA PHE A 28 -4.25 -3.33 4.71
C PHE A 28 -5.07 -2.11 4.98
N HIS A 29 -4.59 -1.35 5.94
CA HIS A 29 -5.14 -0.07 6.30
C HIS A 29 -4.93 0.88 5.14
N ASN A 30 -5.94 1.63 4.87
CA ASN A 30 -5.94 2.60 3.79
C ASN A 30 -4.88 3.67 3.99
N SER A 31 -4.69 4.04 5.22
CA SER A 31 -3.81 5.10 5.61
C SER A 31 -2.30 4.76 5.61
N CYS A 32 -1.94 3.49 5.57
CA CYS A 32 -0.56 3.16 5.91
C CYS A 32 0.40 3.03 4.74
N PHE A 33 -0.08 2.74 3.55
CA PHE A 33 0.85 2.50 2.49
C PHE A 33 1.31 3.77 1.80
N CYS A 34 2.51 4.14 2.11
CA CYS A 34 3.16 5.25 1.54
C CYS A 34 4.46 4.75 0.95
N CYS A 35 5.14 5.59 0.19
CA CYS A 35 6.40 5.21 -0.41
C CYS A 35 7.41 4.92 0.68
N LYS A 36 8.18 3.92 0.39
CA LYS A 36 9.17 3.44 1.29
C LYS A 36 10.36 4.38 1.30
N HIS A 37 10.69 4.93 0.15
CA HIS A 37 11.84 5.79 0.06
C HIS A 37 11.49 7.21 0.52
N CYS A 38 10.26 7.63 0.28
CA CYS A 38 9.80 8.90 0.75
C CYS A 38 8.44 8.71 1.38
N HIS A 39 8.18 9.24 2.54
CA HIS A 39 6.88 9.00 3.19
C HIS A 39 5.78 9.92 2.66
N THR A 40 5.54 9.81 1.39
CA THR A 40 4.51 10.57 0.75
C THR A 40 3.22 9.75 0.74
N LYS A 41 2.13 10.39 1.14
CA LYS A 41 0.82 9.75 1.23
C LYS A 41 0.28 9.45 -0.18
N LEU A 42 0.69 8.34 -0.69
CA LEU A 42 0.34 7.88 -2.02
C LEU A 42 -0.78 6.88 -2.03
N SER A 43 -1.16 6.46 -0.84
CA SER A 43 -2.15 5.47 -0.66
C SER A 43 -3.45 5.83 -1.36
N LEU A 44 -4.03 4.83 -2.01
CA LEU A 44 -5.30 4.91 -2.73
C LEU A 44 -5.52 6.23 -3.47
N GLY A 45 -4.52 6.67 -4.17
CA GLY A 45 -4.63 7.85 -4.97
C GLY A 45 -3.82 7.66 -6.21
N SER A 46 -2.53 7.64 -6.02
CA SER A 46 -1.61 7.40 -7.08
C SER A 46 -0.40 6.70 -6.49
N TYR A 47 -0.26 5.43 -6.77
CA TYR A 47 0.77 4.69 -6.13
C TYR A 47 1.39 3.71 -7.07
N ALA A 48 2.49 3.18 -6.67
CA ALA A 48 3.11 2.11 -7.36
C ALA A 48 3.44 1.06 -6.33
N ALA A 49 2.88 -0.08 -6.45
CA ALA A 49 3.14 -1.08 -5.45
C ALA A 49 3.92 -2.20 -6.02
N LEU A 50 4.90 -2.64 -5.30
CA LEU A 50 5.67 -3.78 -5.66
C LEU A 50 5.50 -4.76 -4.55
N HIS A 51 5.67 -6.01 -4.86
CA HIS A 51 5.69 -7.04 -3.85
C HIS A 51 6.66 -6.66 -2.73
N GLY A 52 6.14 -6.50 -1.55
CA GLY A 52 6.96 -6.16 -0.43
C GLY A 52 6.99 -4.67 -0.09
N GLU A 53 7.07 -3.78 -1.07
CA GLU A 53 7.22 -2.34 -0.78
C GLU A 53 6.35 -1.47 -1.68
N PHE A 54 5.82 -0.42 -1.10
CA PHE A 54 4.96 0.49 -1.78
C PHE A 54 5.82 1.68 -2.09
N TYR A 55 5.77 2.12 -3.29
CA TYR A 55 6.71 3.08 -3.75
C TYR A 55 5.94 4.15 -4.50
N CYS A 56 6.48 5.34 -4.57
CA CYS A 56 5.81 6.35 -5.34
C CYS A 56 6.19 6.16 -6.77
N LYS A 57 5.38 6.58 -7.68
CA LYS A 57 5.68 6.42 -9.09
C LYS A 57 7.09 6.97 -9.48
N PRO A 58 7.50 8.22 -9.07
CA PRO A 58 8.84 8.74 -9.38
C PRO A 58 9.98 7.84 -8.85
N HIS A 59 9.90 7.44 -7.59
CA HIS A 59 10.93 6.58 -7.01
C HIS A 59 10.91 5.20 -7.61
N PHE A 60 9.73 4.75 -7.96
CA PHE A 60 9.53 3.44 -8.55
C PHE A 60 10.23 3.40 -9.90
N GLN A 61 10.16 4.51 -10.61
CA GLN A 61 10.85 4.65 -11.88
C GLN A 61 12.35 4.59 -11.73
N GLN A 62 12.88 5.35 -10.79
CA GLN A 62 14.29 5.45 -10.63
C GLN A 62 14.91 4.21 -9.97
N LEU A 63 14.36 3.81 -8.87
CA LEU A 63 14.91 2.73 -8.09
C LEU A 63 14.55 1.34 -8.64
N PHE A 64 13.30 1.13 -9.01
CA PHE A 64 12.91 -0.19 -9.45
C PHE A 64 12.83 -0.33 -10.97
N LYS A 65 12.66 0.83 -11.63
CA LYS A 65 12.65 0.95 -13.08
C LYS A 65 11.54 0.12 -13.72
N SER A 66 10.41 0.06 -13.06
CA SER A 66 9.31 -0.73 -13.53
C SER A 66 8.20 0.13 -14.18
N LYS A 67 7.29 0.65 -13.37
CA LYS A 67 6.17 1.41 -13.91
C LYS A 67 6.42 2.91 -13.89
N GLY A 68 5.88 3.61 -12.88
CA GLY A 68 5.94 5.04 -12.88
C GLY A 68 5.09 5.63 -13.96
N ASN A 69 4.01 4.97 -14.22
CA ASN A 69 3.11 5.34 -15.28
C ASN A 69 1.80 5.76 -14.70
N TYR A 70 0.91 6.17 -15.56
CA TYR A 70 -0.40 6.59 -15.14
C TYR A 70 -1.33 5.40 -15.07
N ASP A 71 -0.90 4.42 -14.34
CA ASP A 71 -1.65 3.23 -14.06
C ASP A 71 -2.62 3.53 -12.92
N GLU A 72 -3.65 4.22 -13.26
CA GLU A 72 -4.67 4.55 -12.33
C GLU A 72 -5.86 3.64 -12.57
ZN ZN B . -1.36 -1.08 7.92
ZN ZN C . 9.08 8.08 -3.14
N ARG A 1 -12.71 -9.94 5.14
CA ARG A 1 -13.67 -10.19 6.21
C ARG A 1 -13.90 -8.90 6.96
N ALA A 2 -15.13 -8.59 7.29
CA ALA A 2 -15.45 -7.37 8.03
C ALA A 2 -16.02 -7.71 9.40
N GLN A 3 -16.20 -8.99 9.65
CA GLN A 3 -16.68 -9.45 10.95
C GLN A 3 -15.54 -10.16 11.66
N VAL A 4 -14.44 -10.27 10.97
CA VAL A 4 -13.25 -10.94 11.45
C VAL A 4 -12.11 -9.93 11.32
N LYS A 5 -11.09 -10.12 12.11
CA LYS A 5 -9.95 -9.26 12.14
C LYS A 5 -9.03 -9.69 11.02
N GLU A 6 -8.49 -8.74 10.35
CA GLU A 6 -7.69 -8.95 9.18
C GLU A 6 -6.29 -8.49 9.49
N THR A 7 -5.31 -8.96 8.79
CA THR A 7 -3.99 -8.48 9.09
C THR A 7 -3.45 -7.69 7.90
N CYS A 8 -2.75 -6.62 8.21
CA CYS A 8 -2.26 -5.70 7.22
C CYS A 8 -0.94 -6.14 6.66
N ALA A 9 -0.72 -5.85 5.41
CA ALA A 9 0.51 -6.21 4.76
C ALA A 9 1.47 -5.04 4.64
N ALA A 10 0.99 -3.83 4.85
CA ALA A 10 1.82 -2.67 4.65
C ALA A 10 2.53 -2.28 5.93
N CYS A 11 1.92 -2.58 7.06
CA CYS A 11 2.52 -2.30 8.35
C CYS A 11 2.40 -3.50 9.31
N GLN A 12 1.79 -4.58 8.79
CA GLN A 12 1.57 -5.84 9.50
C GLN A 12 0.92 -5.72 10.87
N LYS A 13 -0.08 -4.92 10.94
CA LYS A 13 -0.87 -4.71 12.13
C LYS A 13 -2.27 -5.13 11.79
N THR A 14 -3.02 -5.55 12.76
CA THR A 14 -4.35 -6.00 12.54
C THR A 14 -5.25 -4.83 12.08
N VAL A 15 -5.99 -5.05 11.01
CA VAL A 15 -6.86 -4.06 10.46
C VAL A 15 -8.24 -4.34 10.92
N TYR A 16 -8.92 -3.33 11.31
CA TYR A 16 -10.26 -3.47 11.79
C TYR A 16 -11.17 -2.84 10.74
N PRO A 17 -12.46 -3.19 10.68
CA PRO A 17 -13.39 -2.77 9.58
C PRO A 17 -13.34 -1.27 9.21
N MET A 18 -13.14 -0.42 10.20
CA MET A 18 -13.07 1.03 10.00
C MET A 18 -11.84 1.44 9.18
N GLU A 19 -10.76 0.70 9.33
CA GLU A 19 -9.51 1.02 8.70
C GLU A 19 -9.17 0.06 7.59
N ARG A 20 -9.86 -1.07 7.56
CA ARG A 20 -9.60 -2.11 6.60
C ARG A 20 -9.93 -1.71 5.18
N LEU A 21 -8.91 -1.47 4.47
CA LEU A 21 -8.91 -1.16 3.10
C LEU A 21 -8.23 -2.32 2.40
N VAL A 22 -8.43 -2.44 1.14
CA VAL A 22 -7.80 -3.48 0.40
C VAL A 22 -7.25 -2.95 -0.93
N ALA A 23 -5.94 -2.87 -1.02
CA ALA A 23 -5.32 -2.42 -2.25
C ALA A 23 -4.67 -3.62 -2.88
N ASP A 24 -4.84 -3.79 -4.18
CA ASP A 24 -4.31 -4.97 -4.94
C ASP A 24 -4.53 -6.30 -4.23
N LYS A 25 -5.69 -6.42 -3.60
CA LYS A 25 -6.14 -7.59 -2.85
C LYS A 25 -5.40 -7.75 -1.49
N LEU A 26 -4.44 -6.89 -1.24
CA LEU A 26 -3.75 -6.86 0.06
C LEU A 26 -4.63 -6.09 1.04
N ILE A 27 -4.81 -6.63 2.21
CA ILE A 27 -5.69 -6.01 3.17
C ILE A 27 -4.85 -5.16 4.13
N PHE A 28 -5.14 -3.88 4.20
CA PHE A 28 -4.44 -2.98 5.07
C PHE A 28 -5.13 -1.69 5.42
N HIS A 29 -4.56 -1.03 6.39
CA HIS A 29 -5.01 0.27 6.84
C HIS A 29 -4.73 1.28 5.75
N ASN A 30 -5.68 2.15 5.54
CA ASN A 30 -5.60 3.18 4.55
C ASN A 30 -4.46 4.17 4.82
N SER A 31 -4.17 4.40 6.07
CA SER A 31 -3.14 5.33 6.49
C SER A 31 -1.68 4.81 6.37
N CYS A 32 -1.48 3.52 6.16
CA CYS A 32 -0.12 3.00 6.39
C CYS A 32 0.76 2.79 5.18
N PHE A 33 0.21 2.62 4.01
CA PHE A 33 1.07 2.30 2.91
C PHE A 33 1.68 3.53 2.26
N CYS A 34 2.86 3.83 2.72
CA CYS A 34 3.66 4.89 2.22
C CYS A 34 4.83 4.27 1.47
N CYS A 35 5.57 5.07 0.76
CA CYS A 35 6.72 4.59 0.03
C CYS A 35 7.81 4.21 0.99
N LYS A 36 8.44 3.13 0.68
CA LYS A 36 9.46 2.57 1.50
C LYS A 36 10.77 3.36 1.36
N HIS A 37 10.91 4.08 0.27
CA HIS A 37 12.12 4.85 0.05
C HIS A 37 11.94 6.30 0.55
N CYS A 38 10.72 6.81 0.47
CA CYS A 38 10.40 8.11 0.98
C CYS A 38 9.05 7.99 1.65
N HIS A 39 8.84 8.50 2.83
CA HIS A 39 7.52 8.28 3.48
C HIS A 39 6.43 9.25 2.99
N THR A 40 6.21 9.23 1.72
CA THR A 40 5.18 10.01 1.10
C THR A 40 3.88 9.22 1.22
N LYS A 41 2.82 9.89 1.64
CA LYS A 41 1.54 9.26 1.85
C LYS A 41 0.90 9.01 0.47
N LEU A 42 1.31 7.94 -0.13
CA LEU A 42 0.85 7.51 -1.44
C LEU A 42 -0.37 6.65 -1.36
N SER A 43 -0.78 6.39 -0.16
CA SER A 43 -1.90 5.59 0.14
C SER A 43 -3.13 6.06 -0.61
N LEU A 44 -3.85 5.08 -1.13
CA LEU A 44 -5.11 5.20 -1.87
C LEU A 44 -5.29 6.51 -2.66
N GLY A 45 -4.64 6.56 -3.78
CA GLY A 45 -4.77 7.69 -4.67
C GLY A 45 -3.94 7.45 -5.87
N SER A 46 -2.68 7.34 -5.65
CA SER A 46 -1.73 7.01 -6.67
C SER A 46 -0.56 6.30 -6.01
N TYR A 47 -0.45 5.03 -6.23
CA TYR A 47 0.51 4.25 -5.54
C TYR A 47 1.10 3.20 -6.45
N ALA A 48 2.19 2.65 -6.02
CA ALA A 48 2.80 1.56 -6.69
C ALA A 48 3.18 0.55 -5.65
N ALA A 49 2.91 -0.67 -5.87
CA ALA A 49 3.19 -1.67 -4.89
C ALA A 49 3.96 -2.81 -5.48
N LEU A 50 4.93 -3.28 -4.75
CA LEU A 50 5.68 -4.41 -5.13
C LEU A 50 5.74 -5.32 -3.95
N HIS A 51 5.90 -6.58 -4.23
CA HIS A 51 6.15 -7.57 -3.21
C HIS A 51 7.28 -7.12 -2.29
N GLY A 52 6.96 -6.98 -1.05
CA GLY A 52 7.91 -6.54 -0.09
C GLY A 52 7.79 -5.06 0.26
N GLU A 53 7.64 -4.18 -0.74
CA GLU A 53 7.67 -2.74 -0.50
C GLU A 53 6.61 -2.00 -1.29
N PHE A 54 6.04 -0.98 -0.70
CA PHE A 54 5.13 -0.11 -1.38
C PHE A 54 5.95 1.09 -1.74
N TYR A 55 5.80 1.57 -2.92
CA TYR A 55 6.74 2.53 -3.41
C TYR A 55 5.97 3.60 -4.13
N CYS A 56 6.50 4.78 -4.19
CA CYS A 56 5.79 5.82 -4.86
C CYS A 56 5.99 5.67 -6.34
N LYS A 57 5.08 6.12 -7.14
CA LYS A 57 5.18 5.99 -8.57
C LYS A 57 6.54 6.57 -9.10
N PRO A 58 7.03 7.77 -8.64
CA PRO A 58 8.36 8.26 -9.06
C PRO A 58 9.50 7.30 -8.65
N HIS A 59 9.52 6.86 -7.39
CA HIS A 59 10.59 5.95 -6.92
C HIS A 59 10.51 4.58 -7.53
N PHE A 60 9.32 4.11 -7.76
CA PHE A 60 9.12 2.80 -8.33
C PHE A 60 9.71 2.79 -9.74
N GLN A 61 9.46 3.85 -10.49
CA GLN A 61 9.99 4.02 -11.84
C GLN A 61 11.51 4.16 -11.84
N GLN A 62 12.04 4.92 -10.92
CA GLN A 62 13.46 5.14 -10.86
C GLN A 62 14.25 3.94 -10.30
N LEU A 63 13.87 3.49 -9.14
CA LEU A 63 14.58 2.44 -8.42
C LEU A 63 14.26 1.05 -8.92
N PHE A 64 13.01 0.76 -9.13
CA PHE A 64 12.62 -0.57 -9.52
C PHE A 64 12.38 -0.66 -11.01
N LYS A 65 12.30 0.52 -11.62
CA LYS A 65 12.11 0.72 -13.03
C LYS A 65 10.88 -0.01 -13.53
N SER A 66 9.79 0.14 -12.82
CA SER A 66 8.58 -0.56 -13.15
C SER A 66 7.36 0.33 -12.89
N LYS A 67 6.22 -0.12 -13.39
CA LYS A 67 4.89 0.49 -13.28
C LYS A 67 4.89 2.02 -13.36
N GLY A 68 4.75 2.73 -12.20
CA GLY A 68 4.60 4.15 -12.24
C GLY A 68 3.39 4.51 -13.08
N ASN A 69 3.64 5.12 -14.22
CA ASN A 69 2.66 5.48 -15.27
C ASN A 69 3.21 6.65 -16.02
N TYR A 70 3.28 7.77 -15.30
CA TYR A 70 3.64 9.07 -15.85
C TYR A 70 2.64 9.38 -16.94
N ASP A 71 1.40 9.41 -16.52
CA ASP A 71 0.26 9.59 -17.40
C ASP A 71 -0.36 10.95 -17.12
N GLU A 72 0.43 11.79 -16.52
CA GLU A 72 0.06 13.14 -16.20
C GLU A 72 0.53 14.04 -17.31
ZN ZN B . -1.32 -1.17 8.35
ZN ZN C . 9.24 7.43 -2.86
N ARG A 1 -12.30 -12.85 21.29
CA ARG A 1 -12.08 -11.71 20.38
C ARG A 1 -12.60 -12.02 18.96
N ALA A 2 -13.91 -12.07 18.83
CA ALA A 2 -14.55 -12.40 17.57
C ALA A 2 -14.89 -11.13 16.80
N GLN A 3 -13.98 -10.72 15.96
CA GLN A 3 -14.12 -9.55 15.14
C GLN A 3 -13.23 -9.76 13.94
N VAL A 4 -13.56 -9.14 12.82
CA VAL A 4 -12.76 -9.26 11.61
C VAL A 4 -11.52 -8.40 11.76
N LYS A 5 -10.43 -9.02 12.12
CA LYS A 5 -9.20 -8.35 12.34
C LYS A 5 -8.13 -8.97 11.48
N GLU A 6 -7.84 -8.27 10.44
CA GLU A 6 -6.90 -8.65 9.42
C GLU A 6 -5.54 -8.18 9.82
N THR A 7 -4.52 -8.77 9.34
CA THR A 7 -3.23 -8.25 9.63
C THR A 7 -2.68 -7.61 8.36
N CYS A 8 -2.03 -6.51 8.53
CA CYS A 8 -1.61 -5.65 7.46
C CYS A 8 -0.29 -6.08 6.84
N ALA A 9 -0.17 -5.85 5.55
CA ALA A 9 1.05 -6.19 4.82
C ALA A 9 1.97 -4.99 4.65
N ALA A 10 1.46 -3.79 4.92
CA ALA A 10 2.23 -2.58 4.69
C ALA A 10 2.93 -2.11 5.95
N CYS A 11 2.44 -2.58 7.08
CA CYS A 11 3.02 -2.26 8.36
C CYS A 11 2.90 -3.40 9.39
N GLN A 12 2.32 -4.54 8.93
CA GLN A 12 2.13 -5.78 9.76
C GLN A 12 1.48 -5.57 11.13
N LYS A 13 0.56 -4.66 11.16
CA LYS A 13 -0.18 -4.37 12.36
C LYS A 13 -1.59 -4.77 12.07
N THR A 14 -2.30 -5.12 13.08
CA THR A 14 -3.64 -5.58 12.89
C THR A 14 -4.54 -4.43 12.45
N VAL A 15 -5.25 -4.66 11.37
CA VAL A 15 -6.12 -3.68 10.78
C VAL A 15 -7.49 -3.95 11.31
N TYR A 16 -8.15 -2.93 11.69
CA TYR A 16 -9.46 -3.08 12.23
C TYR A 16 -10.42 -2.58 11.17
N PRO A 17 -11.72 -2.99 11.18
CA PRO A 17 -12.69 -2.66 10.11
C PRO A 17 -12.68 -1.20 9.65
N MET A 18 -12.52 -0.28 10.59
CA MET A 18 -12.48 1.15 10.28
C MET A 18 -11.31 1.52 9.34
N GLU A 19 -10.22 0.79 9.45
CA GLU A 19 -9.01 1.09 8.69
C GLU A 19 -8.69 0.04 7.62
N ARG A 20 -9.37 -1.09 7.68
CA ARG A 20 -9.12 -2.20 6.74
C ARG A 20 -9.51 -1.88 5.30
N LEU A 21 -8.51 -1.64 4.56
CA LEU A 21 -8.56 -1.39 3.15
C LEU A 21 -7.81 -2.52 2.45
N VAL A 22 -8.08 -2.71 1.18
CA VAL A 22 -7.35 -3.69 0.41
C VAL A 22 -6.84 -3.06 -0.89
N ALA A 23 -5.54 -3.10 -1.10
CA ALA A 23 -4.97 -2.65 -2.37
C ALA A 23 -4.52 -3.91 -3.07
N ASP A 24 -4.81 -4.03 -4.37
CA ASP A 24 -4.71 -5.29 -5.18
C ASP A 24 -5.34 -6.47 -4.51
N LYS A 25 -4.70 -6.95 -3.50
CA LYS A 25 -5.18 -8.02 -2.68
C LYS A 25 -4.36 -8.13 -1.38
N LEU A 26 -3.82 -7.02 -0.98
CA LEU A 26 -3.10 -6.90 0.26
C LEU A 26 -3.98 -6.12 1.23
N ILE A 27 -4.18 -6.65 2.41
CA ILE A 27 -5.11 -6.05 3.33
C ILE A 27 -4.33 -5.19 4.31
N PHE A 28 -4.65 -3.91 4.34
CA PHE A 28 -3.98 -2.97 5.19
C PHE A 28 -4.71 -1.68 5.48
N HIS A 29 -4.11 -0.93 6.38
CA HIS A 29 -4.54 0.38 6.78
C HIS A 29 -4.32 1.33 5.61
N ASN A 30 -5.32 2.15 5.35
CA ASN A 30 -5.25 3.15 4.29
C ASN A 30 -4.14 4.15 4.54
N SER A 31 -3.90 4.42 5.79
CA SER A 31 -2.90 5.35 6.21
C SER A 31 -1.44 4.83 6.16
N CYS A 32 -1.19 3.55 5.89
CA CYS A 32 0.18 3.09 6.11
C CYS A 32 1.05 2.93 4.87
N PHE A 33 0.48 2.53 3.75
CA PHE A 33 1.33 2.22 2.62
C PHE A 33 1.80 3.47 1.91
N CYS A 34 3.04 3.77 2.13
CA CYS A 34 3.73 4.85 1.54
C CYS A 34 4.93 4.25 0.85
N CYS A 35 5.61 5.01 0.04
CA CYS A 35 6.80 4.53 -0.60
C CYS A 35 7.85 4.27 0.44
N LYS A 36 8.53 3.20 0.27
CA LYS A 36 9.50 2.78 1.23
C LYS A 36 10.81 3.52 1.02
N HIS A 37 10.99 4.08 -0.17
CA HIS A 37 12.21 4.79 -0.45
C HIS A 37 12.03 6.28 -0.13
N CYS A 38 10.79 6.77 -0.20
CA CYS A 38 10.48 8.09 0.18
C CYS A 38 9.08 8.04 0.79
N HIS A 39 8.83 8.63 1.92
CA HIS A 39 7.51 8.44 2.57
C HIS A 39 6.41 9.35 2.03
N THR A 40 6.22 9.29 0.74
CA THR A 40 5.17 10.02 0.07
C THR A 40 3.86 9.28 0.29
N LYS A 41 2.83 10.02 0.65
CA LYS A 41 1.54 9.45 0.93
C LYS A 41 0.87 9.08 -0.39
N LEU A 42 1.21 7.95 -0.84
CA LEU A 42 0.77 7.42 -2.10
C LEU A 42 -0.39 6.49 -1.95
N SER A 43 -0.79 6.29 -0.73
CA SER A 43 -1.83 5.38 -0.41
C SER A 43 -3.09 5.77 -1.15
N LEU A 44 -3.74 4.75 -1.68
CA LEU A 44 -5.01 4.80 -2.36
C LEU A 44 -5.25 6.07 -3.19
N GLY A 45 -4.32 6.37 -4.03
CA GLY A 45 -4.43 7.50 -4.91
C GLY A 45 -3.60 7.27 -6.12
N SER A 46 -2.32 7.34 -5.92
CA SER A 46 -1.37 7.07 -6.97
C SER A 46 -0.23 6.29 -6.35
N TYR A 47 -0.16 5.02 -6.63
CA TYR A 47 0.78 4.19 -5.97
C TYR A 47 1.31 3.11 -6.86
N ALA A 48 2.35 2.48 -6.42
CA ALA A 48 2.88 1.29 -7.00
C ALA A 48 3.11 0.34 -5.85
N ALA A 49 2.48 -0.76 -5.82
CA ALA A 49 2.69 -1.67 -4.72
C ALA A 49 3.25 -2.96 -5.20
N LEU A 50 4.31 -3.40 -4.58
CA LEU A 50 4.93 -4.61 -4.93
C LEU A 50 5.00 -5.44 -3.71
N HIS A 51 5.03 -6.73 -3.91
CA HIS A 51 5.30 -7.66 -2.86
C HIS A 51 6.56 -7.23 -2.09
N GLY A 52 6.38 -6.96 -0.83
CA GLY A 52 7.47 -6.53 -0.02
C GLY A 52 7.47 -5.03 0.24
N GLU A 53 7.37 -4.21 -0.82
CA GLU A 53 7.50 -2.76 -0.66
C GLU A 53 6.50 -2.00 -1.49
N PHE A 54 6.02 -0.94 -0.92
CA PHE A 54 5.11 -0.07 -1.57
C PHE A 54 5.97 1.07 -2.01
N TYR A 55 5.81 1.48 -3.21
CA TYR A 55 6.77 2.34 -3.79
C TYR A 55 6.03 3.38 -4.57
N CYS A 56 6.64 4.51 -4.74
CA CYS A 56 5.98 5.52 -5.51
C CYS A 56 6.21 5.24 -6.97
N LYS A 57 5.37 5.73 -7.84
CA LYS A 57 5.55 5.51 -9.27
C LYS A 57 6.98 5.91 -9.75
N PRO A 58 7.54 7.11 -9.39
CA PRO A 58 8.90 7.47 -9.81
C PRO A 58 9.96 6.46 -9.29
N HIS A 59 9.91 6.13 -7.99
CA HIS A 59 10.90 5.22 -7.42
C HIS A 59 10.76 3.82 -7.92
N PHE A 60 9.54 3.40 -8.19
CA PHE A 60 9.30 2.07 -8.70
C PHE A 60 10.02 1.94 -10.02
N GLN A 61 9.84 2.93 -10.87
CA GLN A 61 10.44 2.96 -12.19
C GLN A 61 11.97 2.96 -12.13
N GLN A 62 12.52 3.72 -11.21
CA GLN A 62 13.96 3.83 -11.09
C GLN A 62 14.58 2.59 -10.44
N LEU A 63 14.07 2.24 -9.29
CA LEU A 63 14.62 1.16 -8.47
C LEU A 63 14.20 -0.24 -8.88
N PHE A 64 12.94 -0.41 -9.18
CA PHE A 64 12.42 -1.75 -9.47
C PHE A 64 12.28 -1.97 -10.96
N LYS A 65 12.13 -0.84 -11.69
CA LYS A 65 11.90 -0.79 -13.13
C LYS A 65 10.41 -1.04 -13.40
N SER A 66 9.91 -0.54 -14.55
CA SER A 66 8.51 -0.67 -14.97
C SER A 66 7.61 0.29 -14.15
N LYS A 67 6.37 0.43 -14.56
CA LYS A 67 5.44 1.30 -13.88
C LYS A 67 4.50 0.44 -13.05
N GLY A 68 4.50 0.69 -11.74
CA GLY A 68 3.79 -0.17 -10.78
C GLY A 68 2.30 -0.25 -10.95
N ASN A 69 1.69 0.87 -11.17
CA ASN A 69 0.28 0.92 -11.41
C ASN A 69 0.02 2.09 -12.29
N TYR A 70 0.11 1.86 -13.56
CA TYR A 70 -0.02 2.87 -14.54
C TYR A 70 -1.49 2.99 -14.90
N ASP A 71 -2.20 3.79 -14.12
CA ASP A 71 -3.63 4.00 -14.28
C ASP A 71 -3.93 4.74 -15.57
N GLU A 72 -4.17 3.97 -16.59
CA GLU A 72 -4.53 4.47 -17.89
C GLU A 72 -5.89 3.89 -18.23
ZN ZN B . -0.77 -1.06 8.21
ZN ZN C . 9.49 7.08 -3.58
N ARG A 1 -19.66 -13.76 11.91
CA ARG A 1 -20.28 -12.49 11.55
C ARG A 1 -19.18 -11.47 11.35
N ALA A 2 -18.88 -11.15 10.08
CA ALA A 2 -17.87 -10.15 9.67
C ALA A 2 -16.42 -10.57 9.99
N GLN A 3 -15.52 -10.33 9.08
CA GLN A 3 -14.11 -10.61 9.33
C GLN A 3 -13.50 -9.41 9.99
N VAL A 4 -13.48 -9.43 11.30
CA VAL A 4 -13.00 -8.31 12.07
C VAL A 4 -11.55 -8.52 12.54
N LYS A 5 -11.02 -9.70 12.33
CA LYS A 5 -9.69 -9.96 12.81
C LYS A 5 -8.75 -10.16 11.63
N GLU A 6 -8.67 -9.18 10.80
CA GLU A 6 -7.83 -9.18 9.62
C GLU A 6 -6.48 -8.64 9.98
N THR A 7 -5.44 -9.06 9.35
CA THR A 7 -4.17 -8.49 9.67
C THR A 7 -3.58 -7.82 8.43
N CYS A 8 -2.92 -6.70 8.64
CA CYS A 8 -2.43 -5.86 7.59
C CYS A 8 -1.04 -6.23 7.13
N ALA A 9 -0.75 -5.95 5.87
CA ALA A 9 0.54 -6.24 5.27
C ALA A 9 1.45 -5.02 5.23
N ALA A 10 0.86 -3.83 5.15
CA ALA A 10 1.65 -2.63 4.96
C ALA A 10 2.19 -2.08 6.27
N CYS A 11 1.52 -2.39 7.35
CA CYS A 11 1.94 -1.94 8.65
C CYS A 11 1.79 -3.04 9.72
N GLN A 12 1.39 -4.24 9.25
CA GLN A 12 1.20 -5.46 10.09
C GLN A 12 0.45 -5.25 11.42
N LYS A 13 -0.62 -4.51 11.33
CA LYS A 13 -1.47 -4.21 12.45
C LYS A 13 -2.81 -4.83 12.13
N THR A 14 -3.56 -5.20 13.13
CA THR A 14 -4.85 -5.79 12.88
C THR A 14 -5.81 -4.75 12.31
N VAL A 15 -6.44 -5.08 11.21
CA VAL A 15 -7.32 -4.17 10.53
C VAL A 15 -8.72 -4.53 10.91
N TYR A 16 -9.49 -3.57 11.23
CA TYR A 16 -10.86 -3.79 11.57
C TYR A 16 -11.68 -3.23 10.43
N PRO A 17 -12.95 -3.66 10.21
CA PRO A 17 -13.77 -3.28 9.03
C PRO A 17 -13.75 -1.78 8.68
N MET A 18 -13.70 -0.95 9.70
CA MET A 18 -13.66 0.50 9.55
C MET A 18 -12.41 0.97 8.79
N GLU A 19 -11.32 0.24 8.95
CA GLU A 19 -10.05 0.62 8.36
C GLU A 19 -9.66 -0.36 7.25
N ARG A 20 -10.30 -1.51 7.26
CA ARG A 20 -10.01 -2.60 6.38
C ARG A 20 -10.36 -2.32 4.94
N LEU A 21 -9.33 -2.15 4.20
CA LEU A 21 -9.36 -1.96 2.80
C LEU A 21 -8.59 -3.11 2.18
N VAL A 22 -8.87 -3.43 0.96
CA VAL A 22 -8.14 -4.46 0.28
C VAL A 22 -7.56 -3.95 -1.04
N ALA A 23 -6.26 -3.71 -1.04
CA ALA A 23 -5.59 -3.25 -2.24
C ALA A 23 -4.68 -4.37 -2.66
N ASP A 24 -4.64 -4.66 -3.97
CA ASP A 24 -3.78 -5.75 -4.49
C ASP A 24 -4.00 -7.07 -3.77
N LYS A 25 -5.23 -7.26 -3.34
CA LYS A 25 -5.70 -8.43 -2.63
C LYS A 25 -5.15 -8.50 -1.18
N LEU A 26 -4.32 -7.55 -0.82
CA LEU A 26 -3.80 -7.47 0.53
C LEU A 26 -4.77 -6.70 1.39
N ILE A 27 -4.96 -7.15 2.60
CA ILE A 27 -5.90 -6.53 3.46
C ILE A 27 -5.16 -5.58 4.38
N PHE A 28 -5.47 -4.32 4.31
CA PHE A 28 -4.85 -3.32 5.13
C PHE A 28 -5.61 -2.03 5.31
N HIS A 29 -5.16 -1.29 6.29
CA HIS A 29 -5.65 0.03 6.62
C HIS A 29 -5.43 0.94 5.41
N ASN A 30 -6.46 1.65 5.07
CA ASN A 30 -6.48 2.53 3.90
C ASN A 30 -5.37 3.58 3.92
N SER A 31 -5.12 4.12 5.08
CA SER A 31 -4.12 5.12 5.29
C SER A 31 -2.65 4.61 5.38
N CYS A 32 -2.41 3.31 5.51
CA CYS A 32 -1.07 2.89 5.95
C CYS A 32 -0.08 2.57 4.85
N PHE A 33 -0.52 2.24 3.68
CA PHE A 33 0.43 1.85 2.66
C PHE A 33 1.00 3.04 1.94
N CYS A 34 2.12 3.46 2.40
CA CYS A 34 2.83 4.57 1.84
C CYS A 34 4.01 4.02 1.07
N CYS A 35 4.66 4.88 0.30
CA CYS A 35 5.83 4.47 -0.43
C CYS A 35 6.89 3.96 0.52
N LYS A 36 7.47 2.88 0.11
CA LYS A 36 8.44 2.19 0.88
C LYS A 36 9.74 2.96 0.93
N HIS A 37 9.97 3.75 -0.08
CA HIS A 37 11.23 4.46 -0.18
C HIS A 37 11.11 5.89 0.38
N CYS A 38 9.91 6.44 0.40
CA CYS A 38 9.66 7.73 0.99
C CYS A 38 8.30 7.66 1.62
N HIS A 39 8.10 8.26 2.76
CA HIS A 39 6.82 8.12 3.48
C HIS A 39 5.71 9.03 2.86
N THR A 40 5.51 8.82 1.62
CA THR A 40 4.52 9.44 0.80
C THR A 40 3.22 8.62 0.85
N LYS A 41 2.14 9.25 1.30
CA LYS A 41 0.85 8.60 1.40
C LYS A 41 0.24 8.56 -0.01
N LEU A 42 0.52 7.49 -0.66
CA LEU A 42 0.09 7.22 -2.01
C LEU A 42 -1.12 6.32 -2.08
N SER A 43 -1.51 5.86 -0.92
CA SER A 43 -2.57 4.92 -0.76
C SER A 43 -3.84 5.39 -1.45
N LEU A 44 -4.47 4.43 -2.12
CA LEU A 44 -5.75 4.57 -2.82
C LEU A 44 -5.97 5.88 -3.60
N GLY A 45 -4.91 6.34 -4.19
CA GLY A 45 -5.00 7.48 -5.04
C GLY A 45 -4.32 7.14 -6.31
N SER A 46 -3.04 7.02 -6.23
CA SER A 46 -2.24 6.60 -7.33
C SER A 46 -1.00 5.95 -6.79
N TYR A 47 -0.90 4.66 -6.90
CA TYR A 47 0.20 4.00 -6.34
C TYR A 47 0.71 2.97 -7.29
N ALA A 48 1.87 2.51 -7.03
CA ALA A 48 2.44 1.45 -7.78
C ALA A 48 2.84 0.41 -6.79
N ALA A 49 2.28 -0.72 -6.90
CA ALA A 49 2.58 -1.74 -5.96
C ALA A 49 3.34 -2.83 -6.62
N LEU A 50 4.41 -3.20 -6.02
CA LEU A 50 5.18 -4.27 -6.47
C LEU A 50 5.07 -5.30 -5.41
N HIS A 51 5.25 -6.54 -5.77
CA HIS A 51 5.32 -7.61 -4.80
C HIS A 51 6.29 -7.23 -3.67
N GLY A 52 5.75 -7.18 -2.49
CA GLY A 52 6.53 -6.86 -1.33
C GLY A 52 6.44 -5.39 -0.93
N GLU A 53 6.57 -4.46 -1.88
CA GLU A 53 6.71 -3.05 -1.52
C GLU A 53 5.74 -2.16 -2.29
N PHE A 54 5.22 -1.17 -1.62
CA PHE A 54 4.32 -0.21 -2.20
C PHE A 54 5.18 0.99 -2.50
N TYR A 55 5.20 1.40 -3.71
CA TYR A 55 6.16 2.37 -4.13
C TYR A 55 5.43 3.53 -4.77
N CYS A 56 5.93 4.73 -4.60
CA CYS A 56 5.26 5.87 -5.19
C CYS A 56 5.54 5.85 -6.67
N LYS A 57 4.71 6.47 -7.47
CA LYS A 57 4.94 6.50 -8.92
C LYS A 57 6.36 6.99 -9.28
N PRO A 58 6.86 8.15 -8.71
CA PRO A 58 8.22 8.63 -9.01
C PRO A 58 9.31 7.60 -8.63
N HIS A 59 9.24 7.08 -7.41
CA HIS A 59 10.25 6.11 -6.97
C HIS A 59 10.19 4.82 -7.70
N PHE A 60 9.00 4.41 -8.08
CA PHE A 60 8.82 3.19 -8.81
C PHE A 60 9.55 3.34 -10.13
N GLN A 61 9.32 4.46 -10.78
CA GLN A 61 9.92 4.76 -12.06
C GLN A 61 11.42 4.87 -12.01
N GLN A 62 11.94 5.50 -10.97
CA GLN A 62 13.35 5.67 -10.85
C GLN A 62 14.05 4.37 -10.45
N LEU A 63 13.58 3.77 -9.39
CA LEU A 63 14.23 2.60 -8.79
C LEU A 63 13.92 1.28 -9.49
N PHE A 64 12.66 1.05 -9.82
CA PHE A 64 12.27 -0.24 -10.41
C PHE A 64 11.97 -0.08 -11.90
N LYS A 65 12.05 1.17 -12.37
CA LYS A 65 11.80 1.54 -13.74
C LYS A 65 10.28 1.35 -14.01
N SER A 66 9.84 1.19 -15.27
CA SER A 66 8.42 1.05 -15.59
C SER A 66 7.69 2.36 -15.17
N LYS A 67 6.39 2.30 -14.96
CA LYS A 67 5.66 3.49 -14.56
C LYS A 67 4.62 3.11 -13.54
N GLY A 68 4.24 4.09 -12.73
CA GLY A 68 3.25 3.87 -11.69
C GLY A 68 1.87 3.73 -12.28
N ASN A 69 1.58 2.52 -12.70
CA ASN A 69 0.36 2.16 -13.36
C ASN A 69 -0.85 2.18 -12.43
N TYR A 70 -1.54 3.29 -12.44
CA TYR A 70 -2.78 3.36 -11.73
C TYR A 70 -3.90 3.01 -12.69
N ASP A 71 -4.04 3.80 -13.70
CA ASP A 71 -5.05 3.59 -14.71
C ASP A 71 -4.35 3.32 -16.01
N GLU A 72 -3.91 2.11 -16.17
CA GLU A 72 -3.16 1.75 -17.32
C GLU A 72 -3.87 0.58 -17.96
ZN ZN B . -1.93 -1.18 8.20
ZN ZN C . 8.69 7.36 -2.95
N ARG A 1 -16.03 -9.15 6.69
CA ARG A 1 -14.92 -9.16 7.63
C ARG A 1 -15.11 -8.05 8.64
N ALA A 2 -16.01 -8.28 9.57
CA ALA A 2 -16.29 -7.31 10.60
C ALA A 2 -15.55 -7.66 11.87
N GLN A 3 -15.08 -8.88 11.94
CA GLN A 3 -14.30 -9.30 13.07
C GLN A 3 -12.89 -8.82 12.84
N VAL A 4 -12.45 -7.93 13.69
CA VAL A 4 -11.20 -7.25 13.51
C VAL A 4 -10.01 -8.14 13.87
N LYS A 5 -9.66 -8.99 12.95
CA LYS A 5 -8.45 -9.78 13.03
C LYS A 5 -7.66 -9.52 11.78
N GLU A 6 -7.91 -8.37 11.23
CA GLU A 6 -7.29 -7.97 10.01
C GLU A 6 -6.01 -7.31 10.36
N THR A 7 -4.98 -7.71 9.77
CA THR A 7 -3.75 -7.10 10.06
C THR A 7 -3.22 -6.53 8.77
N CYS A 8 -2.57 -5.43 8.87
CA CYS A 8 -2.08 -4.71 7.75
C CYS A 8 -0.74 -5.24 7.30
N ALA A 9 -0.45 -5.06 6.02
CA ALA A 9 0.82 -5.49 5.46
C ALA A 9 1.78 -4.34 5.24
N ALA A 10 1.27 -3.12 5.23
CA ALA A 10 2.10 -1.96 4.92
C ALA A 10 2.71 -1.35 6.17
N CYS A 11 2.02 -1.51 7.28
CA CYS A 11 2.49 -1.01 8.55
C CYS A 11 2.28 -2.06 9.66
N GLN A 12 1.81 -3.25 9.24
CA GLN A 12 1.56 -4.43 10.11
C GLN A 12 0.85 -4.14 11.44
N LYS A 13 -0.06 -3.21 11.38
CA LYS A 13 -0.91 -2.83 12.48
C LYS A 13 -2.26 -3.40 12.21
N THR A 14 -3.00 -3.70 13.23
CA THR A 14 -4.33 -4.19 13.06
C THR A 14 -5.21 -3.14 12.38
N VAL A 15 -5.94 -3.56 11.36
CA VAL A 15 -6.73 -2.62 10.61
C VAL A 15 -8.14 -2.64 11.13
N TYR A 16 -8.70 -1.48 11.29
CA TYR A 16 -10.02 -1.36 11.84
C TYR A 16 -10.96 -1.06 10.67
N PRO A 17 -12.27 -1.37 10.79
CA PRO A 17 -13.21 -1.32 9.66
C PRO A 17 -13.17 -0.07 8.76
N MET A 18 -13.01 1.11 9.33
CA MET A 18 -13.01 2.32 8.52
C MET A 18 -11.73 2.43 7.68
N GLU A 19 -10.62 2.04 8.23
CA GLU A 19 -9.37 2.14 7.53
C GLU A 19 -9.00 0.89 6.81
N ARG A 20 -9.70 -0.20 7.11
CA ARG A 20 -9.48 -1.46 6.45
C ARG A 20 -9.83 -1.37 4.98
N LEU A 21 -8.84 -1.18 4.23
CA LEU A 21 -8.90 -1.10 2.82
C LEU A 21 -8.20 -2.32 2.26
N VAL A 22 -8.56 -2.70 1.09
CA VAL A 22 -7.88 -3.79 0.47
C VAL A 22 -7.26 -3.36 -0.87
N ALA A 23 -5.96 -3.25 -0.88
CA ALA A 23 -5.25 -2.93 -2.10
C ALA A 23 -4.46 -4.13 -2.46
N ASP A 24 -4.47 -4.50 -3.72
CA ASP A 24 -3.72 -5.67 -4.24
C ASP A 24 -3.95 -6.92 -3.39
N LYS A 25 -5.19 -7.07 -2.95
CA LYS A 25 -5.68 -8.14 -2.09
C LYS A 25 -5.04 -8.12 -0.67
N LEU A 26 -4.22 -7.15 -0.40
CA LEU A 26 -3.66 -6.99 0.92
C LEU A 26 -4.58 -6.13 1.74
N ILE A 27 -4.79 -6.50 2.96
CA ILE A 27 -5.70 -5.78 3.79
C ILE A 27 -4.90 -4.81 4.65
N PHE A 28 -5.13 -3.53 4.46
CA PHE A 28 -4.45 -2.52 5.22
C PHE A 28 -5.13 -1.18 5.28
N HIS A 29 -4.63 -0.37 6.17
CA HIS A 29 -5.09 0.99 6.39
C HIS A 29 -4.85 1.78 5.12
N ASN A 30 -5.88 2.47 4.71
CA ASN A 30 -5.83 3.36 3.56
C ASN A 30 -4.75 4.42 3.73
N SER A 31 -4.55 4.82 4.94
CA SER A 31 -3.63 5.83 5.33
C SER A 31 -2.13 5.42 5.36
N CYS A 32 -1.81 4.14 5.32
CA CYS A 32 -0.44 3.76 5.67
C CYS A 32 0.51 3.39 4.56
N PHE A 33 0.03 2.88 3.44
CA PHE A 33 0.96 2.36 2.46
C PHE A 33 1.68 3.44 1.70
N CYS A 34 2.83 3.73 2.19
CA CYS A 34 3.70 4.73 1.68
C CYS A 34 4.83 4.06 0.94
N CYS A 35 5.59 4.84 0.23
CA CYS A 35 6.72 4.35 -0.49
C CYS A 35 7.81 3.93 0.45
N LYS A 36 8.34 2.80 0.11
CA LYS A 36 9.41 2.15 0.79
C LYS A 36 10.66 3.03 0.83
N HIS A 37 10.87 3.80 -0.22
CA HIS A 37 12.06 4.62 -0.28
C HIS A 37 11.78 6.04 0.25
N CYS A 38 10.57 6.55 0.04
CA CYS A 38 10.22 7.83 0.56
C CYS A 38 8.87 7.72 1.25
N HIS A 39 8.72 8.22 2.43
CA HIS A 39 7.48 8.05 3.18
C HIS A 39 6.38 9.01 2.73
N THR A 40 5.98 8.86 1.51
CA THR A 40 4.98 9.69 0.95
C THR A 40 3.65 8.90 0.87
N LYS A 41 2.55 9.53 1.30
CA LYS A 41 1.22 8.90 1.30
C LYS A 41 0.72 8.78 -0.14
N LEU A 42 1.21 7.77 -0.81
CA LEU A 42 0.87 7.45 -2.19
C LEU A 42 -0.34 6.57 -2.28
N SER A 43 -0.78 6.13 -1.15
CA SER A 43 -1.86 5.22 -0.99
C SER A 43 -3.11 5.66 -1.77
N LEU A 44 -3.75 4.68 -2.40
CA LEU A 44 -5.01 4.79 -3.13
C LEU A 44 -5.16 6.08 -3.95
N GLY A 45 -4.65 6.04 -5.15
CA GLY A 45 -4.69 7.16 -6.03
C GLY A 45 -3.70 6.97 -7.14
N SER A 46 -2.47 6.89 -6.76
CA SER A 46 -1.41 6.62 -7.67
C SER A 46 -0.27 5.91 -6.93
N TYR A 47 -0.11 4.64 -7.16
CA TYR A 47 0.90 3.90 -6.47
C TYR A 47 1.53 2.87 -7.39
N ALA A 48 2.62 2.33 -6.96
CA ALA A 48 3.23 1.23 -7.63
C ALA A 48 3.53 0.19 -6.59
N ALA A 49 2.98 -0.95 -6.71
CA ALA A 49 3.22 -1.92 -5.70
C ALA A 49 4.00 -3.06 -6.26
N LEU A 50 4.95 -3.52 -5.50
CA LEU A 50 5.70 -4.67 -5.83
C LEU A 50 5.51 -5.59 -4.67
N HIS A 51 5.66 -6.87 -4.89
CA HIS A 51 5.58 -7.85 -3.82
C HIS A 51 6.42 -7.44 -2.60
N GLY A 52 5.75 -7.25 -1.49
CA GLY A 52 6.41 -6.92 -0.26
C GLY A 52 6.54 -5.42 0.03
N GLU A 53 6.72 -4.59 -1.00
CA GLU A 53 6.99 -3.16 -0.77
C GLU A 53 6.19 -2.28 -1.72
N PHE A 54 5.74 -1.17 -1.22
CA PHE A 54 4.95 -0.26 -1.97
C PHE A 54 5.86 0.87 -2.33
N TYR A 55 5.90 1.20 -3.56
CA TYR A 55 6.89 2.10 -4.04
C TYR A 55 6.17 3.21 -4.77
N CYS A 56 6.68 4.42 -4.72
CA CYS A 56 6.04 5.46 -5.48
C CYS A 56 6.42 5.25 -6.93
N LYS A 57 5.59 5.69 -7.86
CA LYS A 57 5.90 5.49 -9.26
C LYS A 57 7.32 6.03 -9.61
N PRO A 58 7.72 7.29 -9.17
CA PRO A 58 9.08 7.81 -9.42
C PRO A 58 10.19 6.88 -8.91
N HIS A 59 10.05 6.36 -7.70
CA HIS A 59 11.07 5.47 -7.14
C HIS A 59 11.05 4.10 -7.75
N PHE A 60 9.88 3.63 -8.10
CA PHE A 60 9.74 2.32 -8.70
C PHE A 60 10.43 2.34 -10.07
N GLN A 61 10.25 3.45 -10.78
CA GLN A 61 10.87 3.67 -12.07
C GLN A 61 12.39 3.77 -11.99
N GLN A 62 12.89 4.51 -11.03
CA GLN A 62 14.31 4.68 -10.89
C GLN A 62 15.01 3.46 -10.27
N LEU A 63 14.51 3.00 -9.15
CA LEU A 63 15.13 1.92 -8.39
C LEU A 63 14.87 0.55 -8.97
N PHE A 64 13.64 0.27 -9.37
CA PHE A 64 13.34 -1.05 -9.90
C PHE A 64 13.28 -1.04 -11.43
N LYS A 65 13.34 0.18 -12.00
CA LYS A 65 13.39 0.41 -13.43
C LYS A 65 12.13 -0.09 -14.13
N SER A 66 11.03 0.01 -13.44
CA SER A 66 9.77 -0.43 -13.97
C SER A 66 8.76 0.71 -13.84
N LYS A 67 7.91 0.86 -14.83
CA LYS A 67 6.83 1.82 -14.83
C LYS A 67 5.91 1.52 -13.66
N GLY A 68 5.74 2.48 -12.76
CA GLY A 68 4.86 2.29 -11.62
C GLY A 68 3.44 2.03 -12.02
N ASN A 69 3.10 0.77 -12.10
CA ASN A 69 1.79 0.38 -12.55
C ASN A 69 1.14 -0.52 -11.54
N TYR A 70 -0.15 -0.30 -11.38
CA TYR A 70 -1.05 -1.12 -10.62
C TYR A 70 -2.43 -0.53 -10.82
N ASP A 71 -2.66 -0.16 -12.05
CA ASP A 71 -3.85 0.54 -12.51
C ASP A 71 -4.99 -0.44 -12.71
N GLU A 72 -4.63 -1.67 -12.81
CA GLU A 72 -5.50 -2.76 -13.06
C GLU A 72 -4.99 -3.92 -12.26
ZN ZN B . -1.37 -0.08 8.13
ZN ZN C . 9.35 7.10 -3.31
N ARG A 1 -15.17 -6.91 19.98
CA ARG A 1 -13.93 -6.52 20.64
C ARG A 1 -12.71 -6.76 19.76
N ALA A 2 -12.34 -8.02 19.57
CA ALA A 2 -11.15 -8.32 18.78
C ALA A 2 -11.30 -9.66 18.06
N GLN A 3 -12.50 -9.97 17.61
CA GLN A 3 -12.73 -11.21 16.88
C GLN A 3 -12.50 -10.95 15.39
N VAL A 4 -12.26 -9.71 15.08
CA VAL A 4 -11.92 -9.29 13.74
C VAL A 4 -10.43 -9.58 13.48
N LYS A 5 -10.15 -10.81 13.13
CA LYS A 5 -8.79 -11.27 12.95
C LYS A 5 -8.27 -10.96 11.55
N GLU A 6 -8.27 -9.70 11.20
CA GLU A 6 -7.75 -9.25 9.93
C GLU A 6 -6.40 -8.68 10.18
N THR A 7 -5.45 -9.07 9.44
CA THR A 7 -4.16 -8.55 9.67
C THR A 7 -3.69 -7.70 8.49
N CYS A 8 -3.10 -6.59 8.80
CA CYS A 8 -2.66 -5.63 7.82
C CYS A 8 -1.31 -6.01 7.26
N ALA A 9 -1.10 -5.75 5.99
CA ALA A 9 0.18 -6.06 5.37
C ALA A 9 1.09 -4.84 5.27
N ALA A 10 0.52 -3.67 5.41
CA ALA A 10 1.28 -2.44 5.23
C ALA A 10 1.95 -2.00 6.52
N CYS A 11 1.36 -2.34 7.64
CA CYS A 11 1.93 -2.01 8.93
C CYS A 11 1.88 -3.22 9.89
N GLN A 12 1.24 -4.30 9.40
CA GLN A 12 1.12 -5.58 10.11
C GLN A 12 0.55 -5.53 11.51
N LYS A 13 -0.50 -4.77 11.62
CA LYS A 13 -1.29 -4.63 12.81
C LYS A 13 -2.66 -5.17 12.48
N THR A 14 -3.37 -5.67 13.45
CA THR A 14 -4.68 -6.20 13.21
C THR A 14 -5.65 -5.05 12.88
N VAL A 15 -6.37 -5.20 11.80
CA VAL A 15 -7.22 -4.16 11.26
C VAL A 15 -8.62 -4.33 11.77
N TYR A 16 -9.23 -3.25 12.14
CA TYR A 16 -10.58 -3.28 12.59
C TYR A 16 -11.47 -2.83 11.44
N PRO A 17 -12.77 -3.22 11.39
CA PRO A 17 -13.66 -3.00 10.21
C PRO A 17 -13.64 -1.58 9.63
N MET A 18 -13.51 -0.58 10.49
CA MET A 18 -13.48 0.81 10.05
C MET A 18 -12.20 1.13 9.27
N GLU A 19 -11.11 0.55 9.67
CA GLU A 19 -9.83 0.85 9.06
C GLU A 19 -9.54 -0.19 8.00
N ARG A 20 -10.23 -1.30 8.07
CA ARG A 20 -10.07 -2.43 7.17
C ARG A 20 -10.53 -2.11 5.78
N LEU A 21 -9.57 -1.93 4.99
CA LEU A 21 -9.66 -1.66 3.61
C LEU A 21 -8.90 -2.75 2.90
N VAL A 22 -9.19 -2.95 1.67
CA VAL A 22 -8.50 -3.92 0.90
C VAL A 22 -8.00 -3.34 -0.42
N ALA A 23 -6.69 -3.18 -0.51
CA ALA A 23 -6.07 -2.69 -1.73
C ALA A 23 -5.31 -3.86 -2.31
N ASP A 24 -5.43 -4.08 -3.61
CA ASP A 24 -4.83 -5.26 -4.30
C ASP A 24 -4.98 -6.56 -3.54
N LYS A 25 -6.16 -6.75 -2.99
CA LYS A 25 -6.55 -7.91 -2.22
C LYS A 25 -5.78 -8.05 -0.88
N LEU A 26 -4.91 -7.10 -0.59
CA LEU A 26 -4.26 -7.05 0.72
C LEU A 26 -5.17 -6.32 1.69
N ILE A 27 -5.34 -6.85 2.86
CA ILE A 27 -6.23 -6.24 3.81
C ILE A 27 -5.41 -5.39 4.77
N PHE A 28 -5.72 -4.13 4.83
CA PHE A 28 -5.05 -3.20 5.69
C PHE A 28 -5.79 -1.95 5.99
N HIS A 29 -5.24 -1.22 6.92
CA HIS A 29 -5.73 0.08 7.31
C HIS A 29 -5.50 1.04 6.16
N ASN A 30 -6.49 1.85 5.88
CA ASN A 30 -6.44 2.81 4.81
C ASN A 30 -5.33 3.83 5.02
N SER A 31 -5.06 4.14 6.26
CA SER A 31 -4.10 5.14 6.63
C SER A 31 -2.61 4.70 6.55
N CYS A 32 -2.32 3.43 6.41
CA CYS A 32 -0.94 3.02 6.64
C CYS A 32 -0.09 2.77 5.41
N PHE A 33 -0.66 2.57 4.26
CA PHE A 33 0.18 2.27 3.14
C PHE A 33 0.73 3.51 2.47
N CYS A 34 1.91 3.85 2.87
CA CYS A 34 2.65 4.95 2.33
C CYS A 34 3.79 4.39 1.51
N CYS A 35 4.46 5.24 0.76
CA CYS A 35 5.61 4.80 0.00
C CYS A 35 6.72 4.44 0.95
N LYS A 36 7.38 3.40 0.58
CA LYS A 36 8.46 2.84 1.37
C LYS A 36 9.72 3.68 1.22
N HIS A 37 9.87 4.33 0.07
CA HIS A 37 11.05 5.14 -0.16
C HIS A 37 10.82 6.54 0.38
N CYS A 38 9.63 7.10 0.17
CA CYS A 38 9.28 8.36 0.74
C CYS A 38 8.03 8.13 1.54
N HIS A 39 7.96 8.59 2.76
CA HIS A 39 6.84 8.21 3.64
C HIS A 39 5.64 9.14 3.42
N THR A 40 5.24 9.22 2.19
CA THR A 40 4.16 10.05 1.78
C THR A 40 2.89 9.19 1.73
N LYS A 41 1.82 9.71 2.31
CA LYS A 41 0.56 9.02 2.33
C LYS A 41 -0.11 9.01 0.98
N LEU A 42 0.15 7.96 0.29
CA LEU A 42 -0.34 7.69 -1.04
C LEU A 42 -1.52 6.78 -1.04
N SER A 43 -1.84 6.31 0.14
CA SER A 43 -2.86 5.37 0.33
C SER A 43 -4.21 5.86 -0.16
N LEU A 44 -4.89 4.94 -0.83
CA LEU A 44 -6.21 5.12 -1.43
C LEU A 44 -6.42 6.49 -2.06
N GLY A 45 -5.66 6.71 -3.10
CA GLY A 45 -5.73 7.92 -3.86
C GLY A 45 -4.88 7.75 -5.07
N SER A 46 -3.60 7.60 -4.82
CA SER A 46 -2.66 7.35 -5.88
C SER A 46 -1.53 6.49 -5.33
N TYR A 47 -1.50 5.22 -5.69
CA TYR A 47 -0.53 4.35 -5.15
C TYR A 47 -0.07 3.35 -6.17
N ALA A 48 1.00 2.71 -5.88
CA ALA A 48 1.50 1.64 -6.68
C ALA A 48 2.08 0.61 -5.73
N ALA A 49 1.57 -0.56 -5.73
CA ALA A 49 2.02 -1.51 -4.78
C ALA A 49 2.84 -2.60 -5.43
N LEU A 50 3.98 -2.89 -4.87
CA LEU A 50 4.83 -3.96 -5.30
C LEU A 50 4.86 -4.96 -4.18
N HIS A 51 5.13 -6.19 -4.51
CA HIS A 51 5.37 -7.20 -3.50
C HIS A 51 6.38 -6.72 -2.46
N GLY A 52 5.95 -6.67 -1.23
CA GLY A 52 6.81 -6.27 -0.17
C GLY A 52 6.76 -4.79 0.18
N GLU A 53 6.57 -3.91 -0.81
CA GLU A 53 6.63 -2.47 -0.57
C GLU A 53 5.56 -1.72 -1.33
N PHE A 54 5.01 -0.71 -0.71
CA PHE A 54 4.06 0.15 -1.35
C PHE A 54 4.84 1.34 -1.76
N TYR A 55 4.69 1.74 -2.96
CA TYR A 55 5.58 2.70 -3.50
C TYR A 55 4.77 3.76 -4.19
N CYS A 56 5.27 4.95 -4.26
CA CYS A 56 4.56 5.96 -4.98
C CYS A 56 4.79 5.73 -6.44
N LYS A 57 3.86 6.05 -7.29
CA LYS A 57 4.01 5.82 -8.72
C LYS A 57 5.35 6.41 -9.27
N PRO A 58 5.77 7.68 -8.91
CA PRO A 58 7.05 8.23 -9.36
C PRO A 58 8.24 7.36 -8.89
N HIS A 59 8.28 7.02 -7.60
CA HIS A 59 9.38 6.19 -7.08
C HIS A 59 9.34 4.81 -7.63
N PHE A 60 8.17 4.32 -7.88
CA PHE A 60 8.01 3.01 -8.41
C PHE A 60 8.62 3.00 -9.80
N GLN A 61 8.35 4.02 -10.60
CA GLN A 61 8.93 4.15 -11.94
C GLN A 61 10.44 4.33 -11.93
N GLN A 62 10.93 5.11 -11.00
CA GLN A 62 12.33 5.36 -10.92
C GLN A 62 13.11 4.16 -10.39
N LEU A 63 12.68 3.66 -9.27
CA LEU A 63 13.37 2.58 -8.58
C LEU A 63 13.10 1.18 -9.13
N PHE A 64 11.85 0.87 -9.41
CA PHE A 64 11.54 -0.48 -9.87
C PHE A 64 11.16 -0.48 -11.35
N LYS A 65 10.66 0.65 -11.79
CA LYS A 65 10.29 0.99 -13.16
C LYS A 65 8.99 0.36 -13.64
N SER A 66 8.75 -0.85 -13.24
CA SER A 66 7.63 -1.64 -13.70
C SER A 66 6.26 -1.23 -13.07
N LYS A 67 5.69 -0.10 -13.57
CA LYS A 67 4.29 0.46 -13.35
C LYS A 67 4.31 1.99 -13.44
N GLY A 68 3.84 2.68 -12.37
CA GLY A 68 3.75 4.10 -12.42
C GLY A 68 2.56 4.58 -13.20
N ASN A 69 1.69 3.63 -13.55
CA ASN A 69 0.47 3.94 -14.30
C ASN A 69 -0.35 4.89 -13.48
N TYR A 70 -0.63 6.05 -14.03
CA TYR A 70 -1.32 7.08 -13.32
C TYR A 70 -2.76 6.65 -13.18
N ASP A 71 -3.29 6.80 -12.01
CA ASP A 71 -4.59 6.28 -11.69
C ASP A 71 -5.13 6.97 -10.46
N GLU A 72 -5.91 7.99 -10.67
CA GLU A 72 -6.58 8.69 -9.61
C GLU A 72 -8.05 8.73 -9.93
ZN ZN B . -1.96 -1.06 8.91
ZN ZN C . 7.99 7.65 -3.01
N ARG A 1 -14.59 -16.94 6.68
CA ARG A 1 -15.84 -17.42 7.28
C ARG A 1 -16.10 -16.82 8.65
N ALA A 2 -15.39 -15.76 9.01
CA ALA A 2 -15.57 -15.18 10.33
C ALA A 2 -15.36 -13.68 10.27
N GLN A 3 -16.04 -12.96 11.13
CA GLN A 3 -15.85 -11.53 11.24
C GLN A 3 -14.66 -11.29 12.16
N VAL A 4 -13.52 -11.65 11.65
CA VAL A 4 -12.29 -11.60 12.38
C VAL A 4 -11.43 -10.43 11.92
N LYS A 5 -10.68 -9.92 12.84
CA LYS A 5 -9.75 -8.86 12.61
C LYS A 5 -8.58 -9.37 11.75
N GLU A 6 -8.36 -8.72 10.64
CA GLU A 6 -7.34 -9.08 9.69
C GLU A 6 -6.06 -8.38 10.06
N THR A 7 -4.93 -8.88 9.64
CA THR A 7 -3.71 -8.19 9.95
C THR A 7 -3.18 -7.53 8.69
N CYS A 8 -2.52 -6.42 8.87
CA CYS A 8 -2.13 -5.55 7.82
C CYS A 8 -0.75 -5.89 7.28
N ALA A 9 -0.58 -5.73 5.99
CA ALA A 9 0.70 -5.97 5.35
C ALA A 9 1.54 -4.71 5.22
N ALA A 10 0.91 -3.55 5.33
CA ALA A 10 1.61 -2.30 5.08
C ALA A 10 2.23 -1.75 6.35
N CYS A 11 1.71 -2.15 7.48
CA CYS A 11 2.24 -1.71 8.76
C CYS A 11 2.21 -2.83 9.81
N GLN A 12 1.78 -4.04 9.38
CA GLN A 12 1.70 -5.25 10.21
C GLN A 12 1.01 -5.08 11.56
N LYS A 13 -0.05 -4.35 11.56
CA LYS A 13 -0.85 -4.12 12.72
C LYS A 13 -2.21 -4.67 12.42
N THR A 14 -2.92 -5.12 13.40
CA THR A 14 -4.22 -5.66 13.18
C THR A 14 -5.20 -4.57 12.72
N VAL A 15 -5.85 -4.84 11.62
CA VAL A 15 -6.77 -3.92 11.03
C VAL A 15 -8.13 -4.26 11.56
N TYR A 16 -8.85 -3.28 11.94
CA TYR A 16 -10.17 -3.51 12.40
C TYR A 16 -11.11 -3.32 11.22
N PRO A 17 -12.33 -3.91 11.24
CA PRO A 17 -13.23 -3.95 10.08
C PRO A 17 -13.44 -2.62 9.34
N MET A 18 -13.48 -1.52 10.08
CA MET A 18 -13.67 -0.21 9.48
C MET A 18 -12.43 0.25 8.68
N GLU A 19 -11.25 -0.09 9.16
CA GLU A 19 -10.01 0.36 8.52
C GLU A 19 -9.55 -0.66 7.51
N ARG A 20 -10.09 -1.86 7.65
CA ARG A 20 -9.76 -2.99 6.81
C ARG A 20 -10.15 -2.76 5.37
N LEU A 21 -9.14 -2.45 4.64
CA LEU A 21 -9.17 -2.20 3.25
C LEU A 21 -8.30 -3.25 2.58
N VAL A 22 -8.55 -3.49 1.33
CA VAL A 22 -7.76 -4.41 0.60
C VAL A 22 -7.27 -3.77 -0.71
N ALA A 23 -5.99 -3.48 -0.77
CA ALA A 23 -5.42 -2.95 -1.98
C ALA A 23 -4.56 -4.02 -2.55
N ASP A 24 -4.64 -4.26 -3.87
CA ASP A 24 -3.83 -5.31 -4.53
C ASP A 24 -3.91 -6.66 -3.82
N LYS A 25 -5.10 -6.96 -3.29
CA LYS A 25 -5.40 -8.16 -2.52
C LYS A 25 -4.64 -8.23 -1.16
N LEU A 26 -3.86 -7.22 -0.87
CA LEU A 26 -3.19 -7.13 0.41
C LEU A 26 -4.14 -6.45 1.40
N ILE A 27 -4.30 -6.99 2.60
CA ILE A 27 -5.27 -6.44 3.54
C ILE A 27 -4.56 -5.52 4.50
N PHE A 28 -5.02 -4.28 4.55
CA PHE A 28 -4.48 -3.29 5.42
C PHE A 28 -5.35 -2.10 5.71
N HIS A 29 -4.86 -1.27 6.62
CA HIS A 29 -5.45 0.00 6.97
C HIS A 29 -5.29 0.91 5.78
N ASN A 30 -6.32 1.64 5.50
CA ASN A 30 -6.33 2.60 4.45
C ASN A 30 -5.31 3.72 4.64
N SER A 31 -5.13 4.13 5.88
CA SER A 31 -4.21 5.18 6.25
C SER A 31 -2.70 4.81 6.30
N CYS A 32 -2.32 3.56 6.14
CA CYS A 32 -0.94 3.21 6.46
C CYS A 32 0.03 3.06 5.29
N PHE A 33 -0.42 2.64 4.13
CA PHE A 33 0.52 2.35 3.08
C PHE A 33 1.10 3.57 2.41
N CYS A 34 2.25 3.95 2.88
CA CYS A 34 3.00 5.04 2.38
C CYS A 34 4.18 4.48 1.60
N CYS A 35 4.88 5.33 0.88
CA CYS A 35 6.06 4.91 0.15
C CYS A 35 7.15 4.51 1.13
N LYS A 36 7.81 3.45 0.80
CA LYS A 36 8.82 2.87 1.64
C LYS A 36 10.12 3.68 1.56
N HIS A 37 10.21 4.55 0.58
CA HIS A 37 11.41 5.36 0.43
C HIS A 37 11.11 6.80 0.87
N CYS A 38 9.86 7.24 0.75
CA CYS A 38 9.48 8.52 1.22
C CYS A 38 8.14 8.38 1.92
N HIS A 39 7.97 8.95 3.07
CA HIS A 39 6.72 8.75 3.83
C HIS A 39 5.57 9.60 3.30
N THR A 40 5.27 9.44 2.06
CA THR A 40 4.19 10.13 1.48
C THR A 40 2.97 9.22 1.55
N LYS A 41 1.87 9.77 2.01
CA LYS A 41 0.63 9.03 2.15
C LYS A 41 -0.01 8.93 0.77
N LEU A 42 0.35 7.89 0.09
CA LEU A 42 -0.07 7.60 -1.27
C LEU A 42 -1.20 6.62 -1.33
N SER A 43 -1.63 6.21 -0.19
CA SER A 43 -2.64 5.23 -0.04
C SER A 43 -3.94 5.63 -0.77
N LEU A 44 -4.53 4.64 -1.45
CA LEU A 44 -5.81 4.76 -2.16
C LEU A 44 -5.99 6.07 -2.93
N GLY A 45 -5.61 6.04 -4.18
CA GLY A 45 -5.68 7.20 -5.02
C GLY A 45 -4.70 7.09 -6.14
N SER A 46 -3.45 7.15 -5.81
CA SER A 46 -2.40 6.97 -6.77
C SER A 46 -1.20 6.36 -6.08
N TYR A 47 -0.96 5.10 -6.33
CA TYR A 47 0.08 4.41 -5.65
C TYR A 47 0.73 3.39 -6.56
N ALA A 48 1.85 2.90 -6.14
CA ALA A 48 2.51 1.81 -6.77
C ALA A 48 2.76 0.79 -5.70
N ALA A 49 2.43 -0.42 -5.94
CA ALA A 49 2.65 -1.41 -4.94
C ALA A 49 3.38 -2.56 -5.54
N LEU A 50 4.42 -2.95 -4.90
CA LEU A 50 5.19 -4.04 -5.32
C LEU A 50 5.16 -5.02 -4.21
N HIS A 51 5.36 -6.27 -4.55
CA HIS A 51 5.50 -7.32 -3.56
C HIS A 51 6.48 -6.89 -2.47
N GLY A 52 6.01 -6.79 -1.27
CA GLY A 52 6.84 -6.39 -0.18
C GLY A 52 6.77 -4.90 0.17
N GLU A 53 6.82 -4.01 -0.83
CA GLU A 53 6.94 -2.56 -0.54
C GLU A 53 5.96 -1.73 -1.36
N PHE A 54 5.43 -0.70 -0.74
CA PHE A 54 4.52 0.21 -1.38
C PHE A 54 5.36 1.40 -1.71
N TYR A 55 5.24 1.88 -2.89
CA TYR A 55 6.18 2.83 -3.36
C TYR A 55 5.42 3.90 -4.08
N CYS A 56 5.93 5.10 -4.08
CA CYS A 56 5.27 6.12 -4.82
C CYS A 56 5.62 5.94 -6.27
N LYS A 57 4.75 6.28 -7.18
CA LYS A 57 5.06 6.09 -8.58
C LYS A 57 6.41 6.74 -9.05
N PRO A 58 6.79 7.99 -8.59
CA PRO A 58 8.10 8.58 -8.91
C PRO A 58 9.28 7.69 -8.44
N HIS A 59 9.23 7.25 -7.19
CA HIS A 59 10.29 6.37 -6.65
C HIS A 59 10.27 5.03 -7.30
N PHE A 60 9.10 4.57 -7.66
CA PHE A 60 8.95 3.30 -8.33
C PHE A 60 9.71 3.35 -9.67
N GLN A 61 9.65 4.51 -10.34
CA GLN A 61 10.39 4.75 -11.58
C GLN A 61 11.88 4.70 -11.37
N GLN A 62 12.35 5.37 -10.37
CA GLN A 62 13.75 5.43 -10.15
C GLN A 62 14.32 4.12 -9.58
N LEU A 63 13.74 3.68 -8.52
CA LEU A 63 14.20 2.57 -7.75
C LEU A 63 13.84 1.16 -8.25
N PHE A 64 12.59 0.92 -8.66
CA PHE A 64 12.22 -0.46 -8.98
C PHE A 64 12.02 -0.75 -10.45
N LYS A 65 11.45 0.15 -11.19
CA LYS A 65 11.07 -0.14 -12.56
C LYS A 65 10.60 1.13 -13.26
N SER A 66 9.30 1.38 -13.15
CA SER A 66 8.60 2.52 -13.68
C SER A 66 7.14 2.16 -13.70
N LYS A 67 6.33 3.13 -13.98
CA LYS A 67 4.90 3.02 -14.10
C LYS A 67 4.42 4.43 -14.35
N GLY A 68 4.81 5.31 -13.43
CA GLY A 68 4.55 6.72 -13.55
C GLY A 68 3.10 7.06 -13.35
N ASN A 69 2.33 6.85 -14.42
CA ASN A 69 0.90 7.09 -14.49
C ASN A 69 0.52 8.40 -13.87
N TYR A 70 0.96 9.45 -14.48
CA TYR A 70 0.63 10.77 -14.06
C TYR A 70 -0.55 11.17 -14.88
N ASP A 71 -1.73 10.89 -14.33
CA ASP A 71 -3.00 11.06 -15.02
C ASP A 71 -3.15 12.43 -15.63
N GLU A 72 -3.35 12.43 -16.92
CA GLU A 72 -3.48 13.62 -17.66
C GLU A 72 -4.89 13.69 -18.17
ZN ZN B . -1.67 -0.94 8.58
ZN ZN C . 8.58 7.80 -2.68
#